data_1E8V
#
_entry.id   1E8V
#
_cell.length_a   137.460
_cell.length_b   137.460
_cell.length_c   116.600
_cell.angle_alpha   90.00
_cell.angle_beta   90.00
_cell.angle_gamma   120.00
#
_symmetry.space_group_name_H-M   'P 61'
#
loop_
_entity.id
_entity.type
_entity.pdbx_description
1 polymer HEMAGGLUTININ-NEURAMINIDASE
2 branched 2-acetamido-2-deoxy-beta-D-glucopyranose-(1-4)-2-acetamido-2-deoxy-beta-D-glucopyranose
3 non-polymer 'CALCIUM ION'
4 non-polymer '2-DEOXY-2,3-DEHYDRO-N-ACETYL-NEURAMINIC ACID'
5 non-polymer 2-acetamido-2-deoxy-beta-D-glucopyranose
6 water water
#
_entity_poly.entity_id   1
_entity_poly.type   'polypeptide(L)'
_entity_poly.pdbx_seq_one_letter_code
;GAPIHDPDFIGGIGKELIVDNASDVTSFYPSAFQEHLNFIPAPTTGSGCTRIPSFDMSATHYCYTHNVILSGCRDHSHSH
QYLALGVLRTTATGRIFFSTLRSISLDDTQNRKSCSVSATPLGCDMLCSKVTETEEEDYNSAVPTLMAHGRLGFDGQYHE
KDLDVTTLFEDWVANYPGVGGGSFIDGRVWFSVYGGLKPNSPSDTVQEGKYVIYKRYNDTCPDEQDYQIRMAKSSYKPGR
FGGKRIQQAILSIKVSTSLGEDPVLTVPPNTVTLMGAEGRILTVGTSHFLYQRGSSYFSPALLYPMTVSNKTATLHSPYT
FNAFTRPGSIPCQASARCPNSCVTGVYTDPYPLIFYRNHTLRGVFGTMLDSEQARLNPASAVFDSTSRSRITRVSSSSTK
AAYTTSTCFKVVKTNKTYCLSIAEISNTLFGEFRIVPLLVEILKNDGVREARSG
;
_entity_poly.pdbx_strand_id   A,B
#
# COMPACT_ATOMS: atom_id res chain seq x y z
N GLY A 1 -14.31 8.71 -22.96
CA GLY A 1 -13.71 9.33 -21.74
C GLY A 1 -13.06 8.33 -20.80
N ALA A 2 -12.34 7.36 -21.37
CA ALA A 2 -11.64 6.34 -20.58
C ALA A 2 -10.38 6.97 -19.98
N PRO A 3 -9.87 6.41 -18.87
CA PRO A 3 -8.67 6.89 -18.19
C PRO A 3 -7.45 6.70 -19.07
N ILE A 4 -6.50 7.63 -18.99
CA ILE A 4 -5.30 7.51 -19.79
C ILE A 4 -4.09 8.05 -19.02
N HIS A 5 -2.93 7.41 -19.21
CA HIS A 5 -1.71 7.84 -18.54
C HIS A 5 -1.45 9.32 -18.85
N ASP A 6 -0.79 10.01 -17.92
CA ASP A 6 -0.46 11.42 -18.11
C ASP A 6 0.31 11.57 -19.41
N PRO A 7 0.12 12.70 -20.12
CA PRO A 7 0.81 12.96 -21.39
C PRO A 7 2.30 12.65 -21.40
N ASP A 8 2.97 12.78 -20.26
CA ASP A 8 4.40 12.51 -20.19
C ASP A 8 4.84 11.10 -20.58
N PHE A 9 3.89 10.17 -20.66
CA PHE A 9 4.19 8.76 -20.98
C PHE A 9 3.83 8.33 -22.39
N ILE A 10 2.98 9.11 -23.06
CA ILE A 10 2.54 8.80 -24.42
C ILE A 10 3.73 8.49 -25.33
N GLY A 11 3.71 7.29 -25.91
CA GLY A 11 4.79 6.87 -26.78
C GLY A 11 5.82 6.04 -26.04
N GLY A 12 5.69 5.99 -24.71
CA GLY A 12 6.63 5.25 -23.90
C GLY A 12 6.12 3.96 -23.24
N ILE A 13 4.90 3.56 -23.55
CA ILE A 13 4.31 2.36 -22.96
C ILE A 13 4.19 1.20 -23.96
N GLY A 14 4.78 0.06 -23.59
CA GLY A 14 4.71 -1.12 -24.44
C GLY A 14 5.47 -1.11 -25.75
N LYS A 15 6.48 -0.25 -25.87
CA LYS A 15 7.27 -0.19 -27.09
C LYS A 15 8.67 -0.74 -26.84
N GLU A 16 9.44 -0.93 -27.90
CA GLU A 16 10.80 -1.40 -27.73
C GLU A 16 11.51 -0.22 -27.10
N LEU A 17 11.98 -0.40 -25.87
CA LEU A 17 12.63 0.67 -25.14
C LEU A 17 14.01 1.12 -25.60
N ILE A 18 14.85 0.16 -25.95
CA ILE A 18 16.20 0.50 -26.35
C ILE A 18 16.61 -0.20 -27.63
N VAL A 19 16.77 0.58 -28.69
CA VAL A 19 17.21 0.06 -29.98
C VAL A 19 18.65 0.48 -30.11
N ASP A 20 19.51 -0.50 -30.27
CA ASP A 20 20.94 -0.28 -30.39
C ASP A 20 21.55 -1.59 -30.84
N ASN A 21 22.39 -1.55 -31.87
CA ASN A 21 23.04 -2.76 -32.40
C ASN A 21 24.51 -2.77 -31.99
N ALA A 22 25.03 -1.58 -31.70
CA ALA A 22 26.42 -1.40 -31.32
C ALA A 22 26.77 -1.87 -29.91
N SER A 23 26.25 -1.16 -28.92
CA SER A 23 26.50 -1.43 -27.50
C SER A 23 26.27 -2.87 -27.00
N ASP A 24 27.07 -3.25 -25.99
CA ASP A 24 26.94 -4.56 -25.37
C ASP A 24 25.70 -4.48 -24.49
N VAL A 25 24.87 -5.51 -24.52
CA VAL A 25 23.64 -5.49 -23.72
C VAL A 25 23.89 -5.22 -22.24
N THR A 26 24.93 -5.86 -21.69
CA THR A 26 25.24 -5.73 -20.27
C THR A 26 25.88 -4.41 -19.82
N SER A 27 26.03 -3.47 -20.74
CA SER A 27 26.58 -2.16 -20.38
C SER A 27 25.43 -1.35 -19.79
N PHE A 28 24.21 -1.83 -20.03
CA PHE A 28 22.99 -1.23 -19.49
C PHE A 28 22.72 -1.94 -18.16
N TYR A 29 22.60 -1.17 -17.09
CA TYR A 29 22.38 -1.73 -15.77
C TYR A 29 21.35 -0.92 -14.98
N PRO A 30 20.68 -1.57 -14.00
CA PRO A 30 19.67 -0.89 -13.18
C PRO A 30 20.30 -0.01 -12.12
N SER A 31 19.61 1.08 -11.78
CA SER A 31 20.07 2.01 -10.76
C SER A 31 19.76 1.45 -9.39
N ALA A 32 19.97 2.27 -8.35
CA ALA A 32 19.62 1.85 -7.00
C ALA A 32 18.10 1.95 -7.00
N PHE A 33 17.44 1.14 -6.18
CA PHE A 33 15.97 1.16 -6.14
C PHE A 33 15.41 2.56 -5.91
N GLN A 34 14.45 2.95 -6.75
CA GLN A 34 13.81 4.26 -6.65
C GLN A 34 12.57 4.24 -5.76
N GLU A 35 12.37 5.33 -5.03
CA GLU A 35 11.23 5.45 -4.12
C GLU A 35 10.04 6.07 -4.84
N HIS A 36 8.93 5.35 -4.89
CA HIS A 36 7.71 5.84 -5.54
C HIS A 36 6.49 5.36 -4.79
N LEU A 37 5.33 5.89 -5.17
CA LEU A 37 4.05 5.54 -4.55
C LEU A 37 3.82 4.04 -4.62
N ASN A 38 3.84 3.39 -3.46
CA ASN A 38 3.64 1.96 -3.40
C ASN A 38 2.15 1.72 -3.57
N PHE A 39 1.76 1.18 -4.72
CA PHE A 39 0.37 0.91 -5.04
C PHE A 39 -0.10 -0.49 -4.68
N ILE A 40 0.80 -1.32 -4.17
CA ILE A 40 0.45 -2.70 -3.80
C ILE A 40 0.26 -2.83 -2.28
N PRO A 41 -0.99 -3.09 -1.86
CA PRO A 41 -1.37 -3.26 -0.45
C PRO A 41 -0.55 -4.30 0.27
N ALA A 42 -0.14 -3.97 1.49
CA ALA A 42 0.64 -4.88 2.33
C ALA A 42 -0.34 -5.52 3.35
N PRO A 43 0.03 -6.65 3.97
CA PRO A 43 -0.88 -7.27 4.95
C PRO A 43 -1.11 -6.33 6.14
N THR A 44 -2.25 -6.49 6.81
CA THR A 44 -2.56 -5.67 7.98
C THR A 44 -2.64 -6.48 9.28
N THR A 45 -2.37 -7.78 9.19
CA THR A 45 -2.40 -8.62 10.38
C THR A 45 -1.14 -9.50 10.41
N GLY A 46 -0.89 -10.09 11.57
CA GLY A 46 0.28 -10.93 11.74
C GLY A 46 0.33 -12.19 10.89
N SER A 47 -0.79 -12.59 10.32
CA SER A 47 -0.79 -13.81 9.53
C SER A 47 -1.43 -13.73 8.15
N GLY A 48 -1.89 -12.53 7.77
CA GLY A 48 -2.50 -12.39 6.46
C GLY A 48 -1.50 -12.73 5.38
N CYS A 49 -1.93 -13.49 4.38
CA CYS A 49 -1.04 -13.89 3.31
C CYS A 49 -1.38 -13.32 1.94
N THR A 50 -0.60 -12.35 1.49
CA THR A 50 -0.80 -11.75 0.17
C THR A 50 0.23 -12.31 -0.78
N ARG A 51 -0.20 -13.05 -1.79
CA ARG A 51 0.74 -13.62 -2.75
C ARG A 51 0.14 -13.73 -4.14
N ILE A 52 0.96 -14.19 -5.09
CA ILE A 52 0.57 -14.40 -6.48
C ILE A 52 0.15 -13.14 -7.22
N PRO A 53 1.13 -12.24 -7.48
CA PRO A 53 0.94 -10.96 -8.18
C PRO A 53 0.86 -11.13 -9.69
N SER A 54 -0.05 -10.40 -10.32
CA SER A 54 -0.22 -10.43 -11.78
C SER A 54 -0.35 -8.97 -12.20
N PHE A 55 0.40 -8.60 -13.24
CA PHE A 55 0.40 -7.23 -13.71
C PHE A 55 0.55 -7.11 -15.22
N ASP A 56 -0.15 -6.13 -15.79
CA ASP A 56 -0.09 -5.84 -17.22
C ASP A 56 -0.47 -4.40 -17.42
N MET A 57 0.22 -3.73 -18.34
CA MET A 57 -0.07 -2.34 -18.62
C MET A 57 -0.16 -2.06 -20.11
N SER A 58 -1.30 -1.53 -20.55
CA SER A 58 -1.53 -1.18 -21.95
C SER A 58 -1.09 0.25 -22.17
N ALA A 59 -1.31 0.74 -23.39
CA ALA A 59 -0.93 2.10 -23.74
C ALA A 59 -1.81 3.13 -23.06
N THR A 60 -2.85 2.65 -22.36
CA THR A 60 -3.74 3.58 -21.67
C THR A 60 -3.82 3.44 -20.15
N HIS A 61 -3.85 2.21 -19.65
CA HIS A 61 -3.95 1.98 -18.21
C HIS A 61 -3.24 0.69 -17.78
N TYR A 62 -3.11 0.50 -16.47
CA TYR A 62 -2.47 -0.70 -15.92
C TYR A 62 -3.44 -1.48 -15.05
N CYS A 63 -3.14 -2.76 -14.89
CA CYS A 63 -3.95 -3.66 -14.10
C CYS A 63 -3.06 -4.46 -13.17
N TYR A 64 -3.50 -4.61 -11.93
CA TYR A 64 -2.74 -5.36 -10.93
C TYR A 64 -3.69 -6.18 -10.10
N THR A 65 -3.22 -7.31 -9.60
CA THR A 65 -4.02 -8.16 -8.73
C THR A 65 -3.19 -9.15 -7.94
N HIS A 66 -3.68 -9.52 -6.75
CA HIS A 66 -3.01 -10.51 -5.92
C HIS A 66 -4.00 -11.24 -5.02
N ASN A 67 -3.63 -12.45 -4.62
CA ASN A 67 -4.48 -13.29 -3.78
C ASN A 67 -4.27 -12.96 -2.30
N VAL A 68 -5.33 -13.08 -1.50
CA VAL A 68 -5.23 -12.82 -0.06
C VAL A 68 -5.86 -13.97 0.71
N ILE A 69 -5.17 -14.47 1.72
CA ILE A 69 -5.66 -15.55 2.58
C ILE A 69 -5.49 -15.05 4.00
N LEU A 70 -6.58 -15.07 4.77
CA LEU A 70 -6.57 -14.57 6.14
C LEU A 70 -5.65 -15.23 7.15
N SER A 71 -5.65 -16.56 7.20
CA SER A 71 -4.85 -17.27 8.20
C SER A 71 -3.38 -17.58 7.93
N GLY A 72 -3.03 -17.80 6.66
CA GLY A 72 -1.65 -18.11 6.33
C GLY A 72 -1.51 -18.56 4.90
N CYS A 73 -0.29 -18.59 4.39
CA CYS A 73 -0.10 -18.98 3.00
C CYS A 73 -0.41 -20.44 2.69
N ARG A 74 -0.45 -21.24 3.74
CA ARG A 74 -0.73 -22.67 3.64
C ARG A 74 -2.22 -22.99 3.51
N ASP A 75 -3.05 -22.22 4.20
CA ASP A 75 -4.51 -22.40 4.19
C ASP A 75 -5.10 -22.37 2.79
N HIS A 76 -5.86 -23.42 2.45
CA HIS A 76 -6.46 -23.53 1.13
C HIS A 76 -7.99 -23.46 1.07
N SER A 77 -8.63 -23.25 2.21
CA SER A 77 -10.10 -23.22 2.25
C SER A 77 -10.76 -22.10 1.46
N HIS A 78 -10.33 -20.86 1.68
CA HIS A 78 -10.91 -19.70 1.00
C HIS A 78 -9.98 -18.50 0.98
N SER A 79 -10.18 -17.64 -0.02
CA SER A 79 -9.37 -16.45 -0.18
C SER A 79 -10.09 -15.44 -1.03
N HIS A 80 -9.53 -14.23 -1.10
CA HIS A 80 -10.09 -13.18 -1.95
C HIS A 80 -9.01 -12.59 -2.81
N GLN A 81 -9.40 -11.72 -3.73
CA GLN A 81 -8.45 -11.06 -4.60
C GLN A 81 -8.51 -9.55 -4.41
N TYR A 82 -7.34 -8.92 -4.53
CA TYR A 82 -7.24 -7.46 -4.49
C TYR A 82 -7.13 -7.14 -5.98
N LEU A 83 -7.84 -6.11 -6.41
CA LEU A 83 -7.83 -5.73 -7.82
C LEU A 83 -7.65 -4.23 -7.94
N ALA A 84 -6.77 -3.81 -8.85
CA ALA A 84 -6.51 -2.39 -9.09
C ALA A 84 -6.39 -2.05 -10.54
N LEU A 85 -7.00 -0.92 -10.92
CA LEU A 85 -6.94 -0.38 -12.27
C LEU A 85 -6.45 1.04 -12.09
N GLY A 86 -5.45 1.43 -12.89
CA GLY A 86 -4.91 2.76 -12.75
C GLY A 86 -4.15 3.28 -13.96
N VAL A 87 -3.52 4.43 -13.79
CA VAL A 87 -2.75 5.06 -14.86
C VAL A 87 -1.46 5.70 -14.34
N LEU A 88 -0.40 5.67 -15.13
CA LEU A 88 0.87 6.29 -14.73
C LEU A 88 0.79 7.81 -14.82
N ARG A 89 1.34 8.49 -13.81
CA ARG A 89 1.35 9.96 -13.77
C ARG A 89 2.72 10.44 -13.26
N THR A 90 2.96 11.74 -13.36
CA THR A 90 4.22 12.33 -12.89
C THR A 90 3.96 13.52 -11.99
N THR A 91 4.84 13.69 -11.02
CA THR A 91 4.76 14.81 -10.09
C THR A 91 5.26 16.06 -10.82
N ALA A 92 5.23 17.21 -10.15
CA ALA A 92 5.71 18.42 -10.77
C ALA A 92 7.21 18.23 -11.00
N THR A 93 7.85 17.50 -10.10
CA THR A 93 9.28 17.24 -10.16
C THR A 93 9.64 16.10 -11.09
N GLY A 94 8.67 15.61 -11.85
CA GLY A 94 8.92 14.53 -12.77
C GLY A 94 9.08 13.13 -12.21
N ARG A 95 8.76 12.94 -10.93
CA ARG A 95 8.85 11.61 -10.32
C ARG A 95 7.60 10.87 -10.74
N ILE A 96 7.76 9.60 -11.12
CA ILE A 96 6.60 8.81 -11.56
C ILE A 96 5.80 8.21 -10.41
N PHE A 97 4.54 7.93 -10.67
CA PHE A 97 3.68 7.28 -9.69
C PHE A 97 2.50 6.60 -10.33
N PHE A 98 2.34 5.32 -10.00
CA PHE A 98 1.21 4.53 -10.49
C PHE A 98 0.04 5.00 -9.64
N SER A 99 -0.90 5.67 -10.29
CA SER A 99 -2.07 6.22 -9.63
C SER A 99 -3.27 5.33 -9.88
N THR A 100 -3.66 4.51 -8.91
CA THR A 100 -4.81 3.64 -9.15
C THR A 100 -6.13 4.41 -9.05
N LEU A 101 -7.08 4.04 -9.90
CA LEU A 101 -8.39 4.68 -9.96
C LEU A 101 -9.51 3.84 -9.33
N ARG A 102 -9.43 2.53 -9.52
CA ARG A 102 -10.41 1.61 -8.94
C ARG A 102 -9.61 0.62 -8.11
N SER A 103 -9.85 0.66 -6.80
CA SER A 103 -9.16 -0.19 -5.83
C SER A 103 -10.25 -1.03 -5.13
N ILE A 104 -10.22 -2.35 -5.31
CA ILE A 104 -11.25 -3.18 -4.66
C ILE A 104 -10.78 -4.50 -4.10
N SER A 105 -11.59 -5.01 -3.16
CA SER A 105 -11.38 -6.32 -2.56
C SER A 105 -12.51 -7.16 -3.14
N LEU A 106 -12.16 -8.21 -3.88
CA LEU A 106 -13.16 -9.07 -4.48
C LEU A 106 -13.34 -10.30 -3.59
N ASP A 107 -14.49 -10.39 -2.93
CA ASP A 107 -14.74 -11.52 -2.03
C ASP A 107 -16.17 -12.01 -1.99
N ASP A 108 -16.40 -13.21 -2.52
CA ASP A 108 -17.73 -13.79 -2.50
C ASP A 108 -17.70 -15.26 -2.07
N THR A 109 -18.68 -16.04 -2.50
CA THR A 109 -18.73 -17.43 -2.11
C THR A 109 -17.70 -18.33 -2.80
N GLN A 110 -17.04 -17.79 -3.82
CA GLN A 110 -16.07 -18.58 -4.57
C GLN A 110 -14.59 -18.32 -4.29
N ASN A 111 -13.80 -19.35 -4.48
CA ASN A 111 -12.37 -19.26 -4.24
C ASN A 111 -11.55 -19.16 -5.53
N ARG A 112 -11.27 -17.93 -5.93
CA ARG A 112 -10.50 -17.68 -7.14
C ARG A 112 -9.01 -17.84 -6.84
N LYS A 113 -8.32 -18.57 -7.70
CA LYS A 113 -6.88 -18.82 -7.52
C LYS A 113 -6.06 -18.74 -8.81
N SER A 114 -4.77 -18.45 -8.66
CA SER A 114 -3.83 -18.37 -9.80
C SER A 114 -4.34 -17.39 -10.86
N CYS A 115 -4.88 -16.27 -10.40
CA CYS A 115 -5.46 -15.23 -11.25
C CYS A 115 -4.50 -14.39 -12.10
N SER A 116 -4.92 -14.11 -13.33
CA SER A 116 -4.14 -13.32 -14.28
C SER A 116 -4.92 -12.13 -14.80
N VAL A 117 -4.25 -11.00 -14.99
CA VAL A 117 -4.93 -9.81 -15.51
C VAL A 117 -4.32 -9.30 -16.80
N SER A 118 -5.11 -8.54 -17.54
CA SER A 118 -4.70 -7.95 -18.80
C SER A 118 -5.42 -6.61 -18.98
N ALA A 119 -4.71 -5.63 -19.55
CA ALA A 119 -5.28 -4.32 -19.78
C ALA A 119 -5.97 -4.30 -21.14
N THR A 120 -7.29 -4.31 -21.15
CA THR A 120 -8.03 -4.29 -22.41
C THR A 120 -8.78 -2.97 -22.52
N PRO A 121 -9.25 -2.62 -23.73
CA PRO A 121 -9.98 -1.36 -23.93
C PRO A 121 -11.20 -1.21 -23.02
N LEU A 122 -11.68 -2.32 -22.46
CA LEU A 122 -12.83 -2.28 -21.57
C LEU A 122 -12.49 -2.26 -20.09
N GLY A 123 -11.20 -2.38 -19.77
CA GLY A 123 -10.76 -2.34 -18.38
C GLY A 123 -9.66 -3.32 -18.03
N CYS A 124 -9.83 -3.99 -16.90
CA CYS A 124 -8.87 -4.98 -16.44
C CYS A 124 -9.50 -6.37 -16.49
N ASP A 125 -9.23 -7.09 -17.56
CA ASP A 125 -9.75 -8.45 -17.73
C ASP A 125 -8.99 -9.39 -16.82
N MET A 126 -9.70 -10.30 -16.17
CA MET A 126 -9.04 -11.23 -15.27
C MET A 126 -9.46 -12.66 -15.55
N LEU A 127 -8.49 -13.58 -15.49
CA LEU A 127 -8.76 -14.99 -15.70
C LEU A 127 -8.37 -15.75 -14.44
N CYS A 128 -9.35 -16.39 -13.80
CA CYS A 128 -9.10 -17.15 -12.58
C CYS A 128 -9.64 -18.57 -12.64
N SER A 129 -9.20 -19.38 -11.68
CA SER A 129 -9.67 -20.74 -11.55
C SER A 129 -10.43 -20.77 -10.24
N LYS A 130 -11.66 -21.28 -10.27
CA LYS A 130 -12.45 -21.38 -9.05
C LYS A 130 -12.27 -22.81 -8.60
N VAL A 131 -11.50 -22.99 -7.52
CA VAL A 131 -11.18 -24.32 -7.01
C VAL A 131 -11.71 -24.64 -5.62
N THR A 132 -12.08 -25.91 -5.44
CA THR A 132 -12.59 -26.43 -4.16
C THR A 132 -11.58 -27.40 -3.57
N GLU A 133 -10.80 -28.02 -4.45
CA GLU A 133 -9.81 -28.99 -4.05
C GLU A 133 -8.40 -28.45 -4.19
N THR A 134 -7.45 -29.08 -3.50
CA THR A 134 -6.04 -28.68 -3.55
C THR A 134 -5.49 -29.03 -4.93
N GLU A 135 -4.28 -28.57 -5.22
CA GLU A 135 -3.68 -28.83 -6.52
C GLU A 135 -3.57 -30.34 -6.74
N GLU A 136 -2.96 -31.02 -5.78
CA GLU A 136 -2.80 -32.48 -5.84
C GLU A 136 -4.14 -33.17 -6.12
N GLU A 137 -5.19 -32.70 -5.46
CA GLU A 137 -6.54 -33.26 -5.63
C GLU A 137 -7.17 -33.01 -6.99
N ASP A 138 -6.97 -31.80 -7.52
CA ASP A 138 -7.53 -31.40 -8.81
C ASP A 138 -7.01 -32.27 -9.95
N TYR A 139 -5.72 -32.57 -9.89
CA TYR A 139 -5.08 -33.40 -10.89
C TYR A 139 -5.70 -34.80 -10.88
N ASN A 140 -5.94 -35.33 -9.66
CA ASN A 140 -6.56 -36.65 -9.50
C ASN A 140 -8.00 -36.69 -10.01
N SER A 141 -8.78 -35.63 -9.79
CA SER A 141 -10.15 -35.59 -10.28
C SER A 141 -10.13 -35.34 -11.78
N ALA A 142 -10.50 -36.36 -12.54
CA ALA A 142 -10.51 -36.31 -14.00
C ALA A 142 -11.27 -35.14 -14.64
N VAL A 143 -12.13 -34.48 -13.87
CA VAL A 143 -12.89 -33.36 -14.41
C VAL A 143 -12.02 -32.10 -14.48
N PRO A 144 -12.22 -31.27 -15.52
CA PRO A 144 -11.44 -30.04 -15.64
C PRO A 144 -11.71 -29.08 -14.49
N THR A 145 -10.81 -28.11 -14.31
CA THR A 145 -10.96 -27.12 -13.26
C THR A 145 -11.94 -26.04 -13.71
N LEU A 146 -12.67 -25.45 -12.78
CA LEU A 146 -13.62 -24.40 -13.15
C LEU A 146 -12.87 -23.09 -13.36
N MET A 147 -13.14 -22.43 -14.49
CA MET A 147 -12.51 -21.15 -14.82
C MET A 147 -13.54 -20.06 -15.09
N ALA A 148 -13.14 -18.82 -14.83
CA ALA A 148 -14.01 -17.68 -15.05
C ALA A 148 -13.22 -16.52 -15.62
N HIS A 149 -13.86 -15.83 -16.55
CA HIS A 149 -13.30 -14.68 -17.20
C HIS A 149 -14.02 -13.47 -16.61
N GLY A 150 -13.31 -12.73 -15.75
CA GLY A 150 -13.89 -11.56 -15.13
C GLY A 150 -13.35 -10.26 -15.68
N ARG A 151 -13.83 -9.14 -15.12
CA ARG A 151 -13.39 -7.81 -15.52
C ARG A 151 -13.74 -6.66 -14.58
N LEU A 152 -12.72 -5.87 -14.20
CA LEU A 152 -12.94 -4.69 -13.38
C LEU A 152 -13.05 -3.56 -14.41
N GLY A 153 -14.23 -2.96 -14.49
CA GLY A 153 -14.49 -1.90 -15.45
C GLY A 153 -14.01 -0.54 -14.98
N PHE A 154 -13.90 0.41 -15.89
CA PHE A 154 -13.47 1.75 -15.55
C PHE A 154 -14.37 2.39 -14.51
N ASP A 155 -15.63 1.94 -14.50
CA ASP A 155 -16.64 2.43 -13.56
C ASP A 155 -16.45 1.86 -12.15
N GLY A 156 -15.45 0.99 -11.98
CA GLY A 156 -15.18 0.40 -10.68
C GLY A 156 -15.99 -0.84 -10.39
N GLN A 157 -16.73 -1.29 -11.39
CA GLN A 157 -17.56 -2.48 -11.25
C GLN A 157 -16.93 -3.75 -11.74
N TYR A 158 -17.21 -4.86 -11.05
CA TYR A 158 -16.66 -6.16 -11.43
C TYR A 158 -17.75 -7.14 -11.92
N HIS A 159 -17.52 -7.70 -13.10
CA HIS A 159 -18.44 -8.67 -13.68
C HIS A 159 -17.62 -9.85 -14.18
N GLU A 160 -18.19 -11.04 -14.09
CA GLU A 160 -17.51 -12.22 -14.56
C GLU A 160 -18.51 -13.24 -15.09
N LYS A 161 -17.99 -14.20 -15.84
CA LYS A 161 -18.79 -15.26 -16.42
C LYS A 161 -17.98 -16.55 -16.37
N ASP A 162 -18.55 -17.61 -15.78
CA ASP A 162 -17.85 -18.87 -15.70
C ASP A 162 -17.69 -19.42 -17.11
N LEU A 163 -16.57 -20.08 -17.37
CA LEU A 163 -16.35 -20.64 -18.69
C LEU A 163 -16.86 -22.09 -18.72
N ASP A 164 -17.28 -22.52 -19.91
CA ASP A 164 -17.79 -23.88 -20.11
C ASP A 164 -16.59 -24.84 -20.15
N VAL A 165 -15.93 -25.02 -19.00
CA VAL A 165 -14.75 -25.87 -18.93
C VAL A 165 -14.95 -27.32 -19.34
N THR A 166 -16.17 -27.84 -19.21
CA THR A 166 -16.43 -29.23 -19.58
C THR A 166 -16.35 -29.48 -21.08
N THR A 167 -16.38 -28.39 -21.85
CA THR A 167 -16.29 -28.45 -23.30
C THR A 167 -14.98 -27.84 -23.79
N LEU A 168 -14.60 -26.72 -23.18
CA LEU A 168 -13.37 -25.99 -23.53
C LEU A 168 -12.12 -26.75 -23.10
N PHE A 169 -12.10 -27.20 -21.85
CA PHE A 169 -10.97 -27.96 -21.33
C PHE A 169 -11.33 -29.43 -21.14
N GLU A 170 -12.11 -29.94 -22.09
CA GLU A 170 -12.60 -31.33 -22.10
C GLU A 170 -11.54 -32.41 -21.93
N ASP A 171 -10.38 -32.24 -22.58
CA ASP A 171 -9.32 -33.23 -22.48
C ASP A 171 -8.36 -32.93 -21.32
N TRP A 172 -8.79 -32.11 -20.37
CA TRP A 172 -7.93 -31.73 -19.25
C TRP A 172 -8.42 -32.20 -17.89
N VAL A 173 -7.49 -32.56 -17.01
CA VAL A 173 -7.83 -33.01 -15.67
C VAL A 173 -7.73 -31.83 -14.69
N ALA A 174 -6.81 -30.91 -15.00
CA ALA A 174 -6.56 -29.72 -14.18
C ALA A 174 -6.07 -28.60 -15.11
N ASN A 175 -6.51 -27.37 -14.84
CA ASN A 175 -6.13 -26.22 -15.65
C ASN A 175 -6.18 -24.93 -14.87
N TYR A 176 -5.13 -24.13 -15.00
CA TYR A 176 -5.04 -22.85 -14.28
C TYR A 176 -4.37 -21.78 -15.12
N PRO A 177 -4.68 -20.50 -14.85
CA PRO A 177 -4.07 -19.40 -15.60
C PRO A 177 -2.60 -19.35 -15.19
N GLY A 178 -1.74 -18.78 -16.03
CA GLY A 178 -0.31 -18.74 -15.73
C GLY A 178 0.16 -17.73 -14.70
N VAL A 179 -0.79 -17.05 -14.05
CA VAL A 179 -0.57 -16.01 -13.04
C VAL A 179 0.13 -14.76 -13.58
N GLY A 180 1.08 -14.94 -14.49
CA GLY A 180 1.72 -13.79 -15.10
C GLY A 180 0.66 -13.07 -15.91
N GLY A 181 0.88 -11.80 -16.21
CA GLY A 181 -0.12 -11.05 -16.96
C GLY A 181 -0.49 -11.60 -18.33
N GLY A 182 -1.69 -11.23 -18.77
CA GLY A 182 -2.16 -11.61 -20.09
C GLY A 182 -2.01 -10.37 -20.96
N SER A 183 -2.25 -10.49 -22.26
CA SER A 183 -2.11 -9.34 -23.14
C SER A 183 -3.27 -9.17 -24.12
N PHE A 184 -3.54 -7.93 -24.51
CA PHE A 184 -4.60 -7.63 -25.46
C PHE A 184 -4.04 -7.52 -26.87
N ILE A 185 -4.53 -8.38 -27.77
CA ILE A 185 -4.08 -8.40 -29.15
C ILE A 185 -5.24 -8.66 -30.12
N ASP A 186 -5.36 -7.81 -31.14
CA ASP A 186 -6.39 -7.91 -32.18
C ASP A 186 -7.80 -8.21 -31.66
N GLY A 187 -8.34 -7.32 -30.82
CA GLY A 187 -9.67 -7.53 -30.27
C GLY A 187 -9.84 -8.73 -29.35
N ARG A 188 -8.73 -9.33 -28.93
CA ARG A 188 -8.82 -10.48 -28.04
C ARG A 188 -7.83 -10.38 -26.90
N VAL A 189 -8.22 -10.94 -25.76
CA VAL A 189 -7.36 -10.95 -24.60
C VAL A 189 -6.73 -12.35 -24.58
N TRP A 190 -5.41 -12.38 -24.50
CA TRP A 190 -4.66 -13.63 -24.50
C TRP A 190 -4.10 -14.02 -23.16
N PHE A 191 -4.42 -15.23 -22.71
CA PHE A 191 -3.94 -15.72 -21.43
C PHE A 191 -3.12 -16.99 -21.50
N SER A 192 -2.08 -17.03 -20.69
CA SER A 192 -1.19 -18.17 -20.57
C SER A 192 -1.90 -19.12 -19.59
N VAL A 193 -1.96 -20.39 -19.95
CA VAL A 193 -2.60 -21.40 -19.10
C VAL A 193 -1.89 -22.74 -19.18
N TYR A 194 -1.76 -23.39 -18.03
CA TYR A 194 -1.12 -24.69 -17.96
C TYR A 194 -1.96 -25.62 -17.10
N GLY A 195 -1.61 -26.89 -17.10
CA GLY A 195 -2.38 -27.84 -16.31
C GLY A 195 -2.04 -29.26 -16.69
N GLY A 196 -2.96 -30.18 -16.41
CA GLY A 196 -2.74 -31.58 -16.73
C GLY A 196 -3.75 -32.11 -17.74
N LEU A 197 -3.26 -32.94 -18.64
CA LEU A 197 -4.10 -33.54 -19.68
C LEU A 197 -4.66 -34.89 -19.26
N LYS A 198 -5.87 -35.18 -19.72
CA LYS A 198 -6.53 -36.45 -19.43
C LYS A 198 -5.76 -37.49 -20.25
N PRO A 199 -5.12 -38.46 -19.58
CA PRO A 199 -4.35 -39.50 -20.27
C PRO A 199 -5.15 -40.23 -21.35
N ASN A 200 -4.54 -40.39 -22.51
CA ASN A 200 -5.16 -41.06 -23.66
C ASN A 200 -6.25 -40.29 -24.38
N SER A 201 -6.43 -39.02 -24.01
CA SER A 201 -7.44 -38.18 -24.66
C SER A 201 -6.81 -37.68 -25.98
N PRO A 202 -7.63 -37.18 -26.90
CA PRO A 202 -7.10 -36.69 -28.18
C PRO A 202 -5.91 -35.74 -28.00
N SER A 203 -6.06 -34.76 -27.10
CA SER A 203 -5.02 -33.77 -26.83
C SER A 203 -3.75 -34.39 -26.26
N ASP A 204 -3.90 -35.46 -25.49
CA ASP A 204 -2.76 -36.14 -24.88
C ASP A 204 -1.98 -36.98 -25.87
N THR A 205 -2.71 -37.70 -26.73
CA THR A 205 -2.08 -38.57 -27.71
C THR A 205 -1.20 -37.81 -28.70
N VAL A 206 -1.65 -36.64 -29.15
CA VAL A 206 -0.87 -35.84 -30.09
C VAL A 206 0.45 -35.36 -29.50
N GLN A 207 0.50 -35.17 -28.19
CA GLN A 207 1.71 -34.71 -27.51
C GLN A 207 2.64 -35.86 -27.14
N GLU A 208 2.14 -37.08 -27.33
CA GLU A 208 2.88 -38.30 -27.04
C GLU A 208 4.10 -38.47 -27.96
N GLY A 209 5.27 -38.60 -27.34
CA GLY A 209 6.49 -38.76 -28.11
C GLY A 209 7.11 -37.42 -28.48
N LYS A 210 6.32 -36.37 -28.35
CA LYS A 210 6.79 -35.02 -28.64
C LYS A 210 7.56 -34.49 -27.44
N TYR A 211 8.74 -33.96 -27.71
CA TYR A 211 9.62 -33.44 -26.67
C TYR A 211 10.58 -32.45 -27.34
N VAL A 212 11.52 -31.96 -26.56
CA VAL A 212 12.52 -31.03 -27.06
C VAL A 212 13.53 -30.75 -25.95
N ILE A 213 14.79 -30.64 -26.33
CA ILE A 213 15.84 -30.35 -25.36
C ILE A 213 16.46 -28.98 -25.60
N TYR A 214 16.44 -28.14 -24.57
CA TYR A 214 17.07 -26.84 -24.68
C TYR A 214 18.28 -26.98 -23.77
N LYS A 215 19.43 -26.51 -24.25
CA LYS A 215 20.67 -26.66 -23.51
C LYS A 215 21.27 -25.37 -22.95
N ARG A 216 22.24 -25.51 -22.05
CA ARG A 216 22.92 -24.34 -21.50
C ARG A 216 24.04 -23.97 -22.48
N TYR A 217 24.28 -22.67 -22.62
CA TYR A 217 25.29 -22.15 -23.52
C TYR A 217 26.71 -22.66 -23.25
N ASN A 218 27.26 -22.31 -22.09
CA ASN A 218 28.62 -22.70 -21.75
C ASN A 218 28.76 -24.16 -21.33
N ASP A 219 27.76 -24.69 -20.61
CA ASP A 219 27.79 -26.08 -20.15
C ASP A 219 27.32 -27.08 -21.19
N THR A 220 27.72 -28.34 -21.00
CA THR A 220 27.32 -29.40 -21.92
C THR A 220 26.91 -30.60 -21.10
N CYS A 221 25.83 -31.24 -21.50
CA CYS A 221 25.30 -32.41 -20.81
C CYS A 221 26.07 -33.68 -21.14
N PRO A 222 26.71 -34.29 -20.12
CA PRO A 222 27.50 -35.52 -20.25
C PRO A 222 26.68 -36.76 -20.58
N ASP A 223 25.43 -36.81 -20.11
CA ASP A 223 24.56 -37.96 -20.36
C ASP A 223 24.53 -38.35 -21.85
N GLU A 224 24.32 -39.63 -22.12
CA GLU A 224 24.28 -40.10 -23.51
C GLU A 224 23.02 -39.58 -24.21
N GLN A 225 23.14 -39.38 -25.52
CA GLN A 225 22.04 -38.88 -26.35
C GLN A 225 20.74 -39.67 -26.26
N ASP A 226 20.83 -40.91 -25.79
CA ASP A 226 19.64 -41.74 -25.64
C ASP A 226 18.97 -41.52 -24.30
N TYR A 227 19.80 -41.40 -23.26
CA TYR A 227 19.33 -41.17 -21.90
C TYR A 227 18.58 -39.85 -21.82
N GLN A 228 19.18 -38.81 -22.44
CA GLN A 228 18.59 -37.48 -22.48
C GLN A 228 17.22 -37.50 -23.11
N ILE A 229 17.08 -38.08 -24.29
CA ILE A 229 15.78 -38.16 -24.96
C ILE A 229 14.75 -38.85 -24.07
N ARG A 230 15.17 -39.92 -23.39
CA ARG A 230 14.28 -40.65 -22.50
C ARG A 230 13.86 -39.76 -21.32
N MET A 231 14.81 -38.94 -20.85
CA MET A 231 14.55 -38.01 -19.75
C MET A 231 13.60 -36.90 -20.17
N ALA A 232 13.84 -36.33 -21.34
CA ALA A 232 13.00 -35.26 -21.86
C ALA A 232 11.57 -35.73 -21.98
N LYS A 233 11.38 -36.90 -22.57
CA LYS A 233 10.06 -37.48 -22.75
C LYS A 233 9.33 -37.56 -21.42
N SER A 234 10.06 -37.93 -20.37
CA SER A 234 9.48 -38.08 -19.05
C SER A 234 9.28 -36.78 -18.26
N SER A 235 9.98 -35.72 -18.65
CA SER A 235 9.85 -34.44 -17.95
C SER A 235 8.44 -33.86 -18.13
N TYR A 236 7.71 -34.40 -19.09
CA TYR A 236 6.35 -33.95 -19.38
C TYR A 236 5.33 -34.68 -18.54
N LYS A 237 5.72 -35.84 -18.01
CA LYS A 237 4.85 -36.64 -17.15
C LYS A 237 5.63 -36.87 -15.86
N PRO A 238 5.91 -35.80 -15.11
CA PRO A 238 6.67 -35.88 -13.86
C PRO A 238 5.94 -36.62 -12.75
N GLY A 239 6.65 -36.86 -11.66
CA GLY A 239 6.07 -37.57 -10.54
C GLY A 239 4.99 -36.83 -9.76
N ARG A 240 5.37 -35.69 -9.20
CA ARG A 240 4.50 -34.85 -8.37
C ARG A 240 3.00 -34.94 -8.60
N PHE A 241 2.56 -35.05 -9.84
CA PHE A 241 1.15 -35.11 -10.14
C PHE A 241 0.63 -36.43 -10.72
N GLY A 242 1.15 -37.53 -10.19
CA GLY A 242 0.74 -38.86 -10.62
C GLY A 242 1.02 -39.22 -12.06
N GLY A 243 2.16 -38.75 -12.57
CA GLY A 243 2.54 -39.04 -13.94
C GLY A 243 1.62 -38.50 -15.01
N LYS A 244 0.84 -37.46 -14.68
CA LYS A 244 -0.06 -36.86 -15.66
C LYS A 244 0.78 -35.93 -16.55
N ARG A 245 0.31 -35.64 -17.75
CA ARG A 245 1.04 -34.75 -18.63
C ARG A 245 0.68 -33.28 -18.36
N ILE A 246 1.69 -32.54 -17.88
CA ILE A 246 1.53 -31.12 -17.60
C ILE A 246 1.74 -30.41 -18.93
N GLN A 247 0.65 -29.93 -19.52
CA GLN A 247 0.68 -29.25 -20.80
C GLN A 247 0.61 -27.72 -20.72
N GLN A 248 1.29 -27.04 -21.65
CA GLN A 248 1.27 -25.59 -21.75
C GLN A 248 0.21 -25.23 -22.79
N ALA A 249 -0.54 -24.17 -22.54
CA ALA A 249 -1.58 -23.76 -23.49
C ALA A 249 -1.75 -22.25 -23.49
N ILE A 250 -2.57 -21.78 -24.43
CA ILE A 250 -2.87 -20.36 -24.56
C ILE A 250 -4.34 -20.17 -24.90
N LEU A 251 -5.09 -19.51 -24.00
CA LEU A 251 -6.50 -19.26 -24.21
C LEU A 251 -6.73 -17.81 -24.65
N SER A 252 -7.52 -17.62 -25.72
CA SER A 252 -7.83 -16.27 -26.19
C SER A 252 -9.34 -16.07 -26.14
N ILE A 253 -9.77 -14.94 -25.57
CA ILE A 253 -11.18 -14.63 -25.45
C ILE A 253 -11.46 -13.29 -26.11
N LYS A 254 -12.58 -13.16 -26.80
CA LYS A 254 -12.92 -11.90 -27.47
C LYS A 254 -13.31 -10.80 -26.47
N VAL A 255 -12.63 -9.67 -26.53
CA VAL A 255 -12.93 -8.57 -25.64
C VAL A 255 -14.20 -7.86 -26.12
N SER A 256 -15.27 -8.01 -25.35
CA SER A 256 -16.57 -7.40 -25.65
C SER A 256 -17.29 -7.13 -24.34
N THR A 257 -18.52 -6.62 -24.44
CA THR A 257 -19.33 -6.33 -23.25
C THR A 257 -19.90 -7.63 -22.68
N SER A 258 -19.64 -8.73 -23.36
CA SER A 258 -20.10 -10.05 -22.94
C SER A 258 -18.86 -10.82 -22.54
N LEU A 259 -18.72 -11.10 -21.26
CA LEU A 259 -17.55 -11.82 -20.77
C LEU A 259 -17.55 -13.27 -21.17
N GLY A 260 -16.39 -13.76 -21.53
CA GLY A 260 -16.25 -15.15 -21.94
C GLY A 260 -16.72 -15.40 -23.35
N GLU A 261 -16.86 -14.34 -24.13
CA GLU A 261 -17.33 -14.48 -25.51
C GLU A 261 -16.29 -15.12 -26.40
N ASP A 262 -16.70 -16.23 -27.03
CA ASP A 262 -15.88 -16.96 -27.99
C ASP A 262 -14.48 -17.40 -27.52
N PRO A 263 -14.41 -18.23 -26.48
CA PRO A 263 -13.10 -18.69 -25.99
C PRO A 263 -12.48 -19.72 -26.93
N VAL A 264 -11.18 -19.58 -27.20
CA VAL A 264 -10.45 -20.51 -28.07
C VAL A 264 -9.13 -20.95 -27.46
N LEU A 265 -8.97 -22.25 -27.29
CA LEU A 265 -7.76 -22.80 -26.70
C LEU A 265 -6.75 -23.27 -27.75
N THR A 266 -5.49 -22.88 -27.53
CA THR A 266 -4.40 -23.27 -28.42
C THR A 266 -3.43 -24.10 -27.62
N VAL A 267 -3.08 -25.27 -28.17
CA VAL A 267 -2.12 -26.15 -27.50
C VAL A 267 -0.96 -26.37 -28.46
N PRO A 268 0.17 -25.69 -28.21
CA PRO A 268 1.37 -25.80 -29.03
C PRO A 268 2.04 -27.16 -28.89
N PRO A 269 2.60 -27.70 -30.00
CA PRO A 269 3.27 -29.00 -29.96
C PRO A 269 4.48 -28.97 -29.03
N ASN A 270 4.66 -30.03 -28.25
CA ASN A 270 5.78 -30.10 -27.31
C ASN A 270 7.15 -30.24 -27.96
N THR A 271 7.17 -30.18 -29.29
CA THR A 271 8.43 -30.24 -30.04
C THR A 271 9.14 -28.89 -29.89
N VAL A 272 8.40 -27.91 -29.33
CA VAL A 272 8.87 -26.56 -29.10
C VAL A 272 8.71 -26.15 -27.62
N THR A 273 7.54 -26.40 -27.04
CA THR A 273 7.29 -26.04 -25.64
C THR A 273 7.70 -27.10 -24.63
N LEU A 274 8.33 -26.65 -23.56
CA LEU A 274 8.76 -27.52 -22.46
C LEU A 274 7.53 -27.87 -21.62
N MET A 275 7.74 -28.51 -20.48
CA MET A 275 6.63 -28.89 -19.61
C MET A 275 5.80 -27.68 -19.18
N GLY A 276 4.47 -27.82 -19.27
CA GLY A 276 3.58 -26.75 -18.87
C GLY A 276 3.96 -26.12 -17.53
N ALA A 277 3.81 -24.80 -17.43
CA ALA A 277 4.13 -24.07 -16.21
C ALA A 277 3.49 -22.69 -16.23
N GLU A 278 3.61 -21.96 -15.11
CA GLU A 278 3.08 -20.62 -15.02
C GLU A 278 3.70 -19.82 -16.16
N GLY A 279 3.04 -18.75 -16.58
CA GLY A 279 3.57 -17.96 -17.68
C GLY A 279 3.00 -16.57 -17.80
N ARG A 280 3.23 -15.94 -18.95
CA ARG A 280 2.78 -14.58 -19.23
C ARG A 280 2.87 -14.30 -20.72
N ILE A 281 1.87 -13.60 -21.25
CA ILE A 281 1.86 -13.24 -22.65
C ILE A 281 2.29 -11.77 -22.72
N LEU A 282 3.47 -11.50 -23.24
CA LEU A 282 3.93 -10.12 -23.32
C LEU A 282 3.80 -9.55 -24.73
N THR A 283 3.56 -8.24 -24.81
CA THR A 283 3.47 -7.56 -26.08
C THR A 283 4.37 -6.34 -26.00
N VAL A 284 5.44 -6.35 -26.77
CA VAL A 284 6.36 -5.22 -26.78
C VAL A 284 6.57 -4.83 -28.23
N GLY A 285 6.07 -3.65 -28.58
CA GLY A 285 6.18 -3.19 -29.95
C GLY A 285 5.17 -3.98 -30.74
N THR A 286 5.64 -4.60 -31.81
CA THR A 286 4.80 -5.41 -32.67
C THR A 286 5.05 -6.90 -32.37
N SER A 287 5.99 -7.15 -31.47
CA SER A 287 6.36 -8.51 -31.08
C SER A 287 5.54 -9.03 -29.92
N HIS A 288 5.34 -10.34 -29.88
CA HIS A 288 4.61 -10.99 -28.80
C HIS A 288 5.51 -12.09 -28.25
N PHE A 289 5.36 -12.37 -26.96
CA PHE A 289 6.18 -13.40 -26.34
C PHE A 289 5.39 -14.21 -25.32
N LEU A 290 5.93 -15.37 -24.99
CA LEU A 290 5.34 -16.23 -23.97
C LEU A 290 6.44 -16.53 -22.99
N TYR A 291 6.28 -16.07 -21.76
CA TYR A 291 7.26 -16.40 -20.76
C TYR A 291 6.75 -17.70 -20.19
N GLN A 292 7.65 -18.61 -19.89
CA GLN A 292 7.26 -19.88 -19.29
C GLN A 292 8.15 -20.11 -18.10
N ARG A 293 7.53 -20.24 -16.92
CA ARG A 293 8.23 -20.49 -15.68
C ARG A 293 9.14 -21.71 -15.83
N GLY A 294 10.31 -21.67 -15.22
CA GLY A 294 11.21 -22.80 -15.32
C GLY A 294 10.87 -23.85 -14.28
N SER A 295 9.73 -24.51 -14.45
CA SER A 295 9.29 -25.52 -13.50
C SER A 295 9.93 -26.89 -13.77
N SER A 296 10.45 -27.06 -14.98
CA SER A 296 11.10 -28.32 -15.39
C SER A 296 12.62 -28.26 -15.23
N TYR A 297 13.35 -28.97 -16.08
CA TYR A 297 14.82 -29.01 -15.98
C TYR A 297 15.56 -27.78 -16.46
N PHE A 298 14.95 -27.00 -17.36
CA PHE A 298 15.60 -25.81 -17.87
C PHE A 298 15.56 -24.67 -16.87
N SER A 299 16.73 -24.10 -16.57
CA SER A 299 16.82 -23.01 -15.61
C SER A 299 16.72 -21.59 -16.15
N PRO A 300 17.46 -21.26 -17.23
CA PRO A 300 17.45 -19.92 -17.84
C PRO A 300 16.07 -19.42 -18.22
N ALA A 301 15.85 -18.12 -18.08
CA ALA A 301 14.58 -17.48 -18.42
C ALA A 301 14.25 -17.73 -19.90
N LEU A 302 13.01 -18.14 -20.16
CA LEU A 302 12.54 -18.44 -21.50
C LEU A 302 11.54 -17.40 -22.01
N LEU A 303 11.57 -17.17 -23.32
CA LEU A 303 10.67 -16.24 -24.01
C LEU A 303 10.41 -16.81 -25.40
N TYR A 304 9.25 -17.44 -25.56
CA TYR A 304 8.90 -18.02 -26.85
C TYR A 304 8.30 -16.98 -27.77
N PRO A 305 8.95 -16.73 -28.91
CA PRO A 305 8.38 -15.73 -29.82
C PRO A 305 6.97 -16.20 -30.14
N MET A 306 6.00 -15.30 -29.95
CA MET A 306 4.61 -15.63 -30.21
C MET A 306 4.05 -14.80 -31.34
N THR A 307 3.35 -15.46 -32.26
CA THR A 307 2.72 -14.80 -33.40
C THR A 307 1.29 -15.29 -33.39
N VAL A 308 0.36 -14.38 -33.65
CA VAL A 308 -1.04 -14.73 -33.65
C VAL A 308 -1.65 -14.62 -35.04
N SER A 309 -2.62 -15.47 -35.30
CA SER A 309 -3.35 -15.48 -36.56
C SER A 309 -4.75 -15.92 -36.21
N ASN A 310 -5.71 -15.06 -36.49
CA ASN A 310 -7.10 -15.34 -36.18
C ASN A 310 -7.29 -15.38 -34.66
N LYS A 311 -7.67 -16.55 -34.15
CA LYS A 311 -7.92 -16.73 -32.72
C LYS A 311 -6.94 -17.68 -32.04
N THR A 312 -6.01 -18.22 -32.82
CA THR A 312 -5.01 -19.14 -32.27
C THR A 312 -3.63 -18.53 -32.23
N ALA A 313 -2.69 -19.22 -31.60
CA ALA A 313 -1.33 -18.72 -31.50
C ALA A 313 -0.34 -19.77 -31.99
N THR A 314 0.91 -19.35 -32.19
CA THR A 314 1.97 -20.23 -32.63
C THR A 314 3.25 -19.80 -31.94
N LEU A 315 3.94 -20.75 -31.30
CA LEU A 315 5.18 -20.46 -30.61
C LEU A 315 6.37 -20.85 -31.46
N HIS A 316 7.55 -20.31 -31.13
CA HIS A 316 8.77 -20.60 -31.88
C HIS A 316 9.92 -20.86 -30.93
N SER A 317 11.06 -21.33 -31.44
CA SER A 317 12.22 -21.59 -30.59
C SER A 317 12.47 -20.38 -29.72
N PRO A 318 12.39 -20.57 -28.40
CA PRO A 318 12.57 -19.56 -27.36
C PRO A 318 13.92 -18.88 -27.26
N TYR A 319 13.91 -17.66 -26.73
CA TYR A 319 15.13 -16.92 -26.47
C TYR A 319 15.48 -17.45 -25.08
N THR A 320 16.77 -17.66 -24.81
CA THR A 320 17.18 -18.13 -23.49
C THR A 320 18.19 -17.14 -22.96
N PHE A 321 18.22 -16.97 -21.63
CA PHE A 321 19.12 -16.03 -21.00
C PHE A 321 19.86 -16.76 -19.88
N ASN A 322 20.97 -17.37 -20.26
CA ASN A 322 21.80 -18.17 -19.37
C ASN A 322 22.12 -17.69 -17.97
N ALA A 323 22.29 -16.38 -17.79
CA ALA A 323 22.58 -15.87 -16.46
C ALA A 323 21.31 -15.63 -15.65
N PHE A 324 20.17 -15.63 -16.33
CA PHE A 324 18.88 -15.42 -15.68
C PHE A 324 18.34 -16.79 -15.25
N THR A 325 18.92 -17.31 -14.16
CA THR A 325 18.56 -18.61 -13.61
C THR A 325 17.58 -18.47 -12.46
N ARG A 326 16.92 -19.58 -12.14
CA ARG A 326 15.97 -19.61 -11.03
C ARG A 326 16.26 -20.79 -10.15
N PRO A 327 16.17 -20.61 -8.81
CA PRO A 327 16.43 -21.68 -7.86
C PRO A 327 15.43 -22.81 -8.05
N GLY A 328 15.93 -24.03 -7.94
CA GLY A 328 15.11 -25.21 -8.10
C GLY A 328 15.67 -26.29 -7.21
N SER A 329 14.99 -27.42 -7.16
CA SER A 329 15.45 -28.54 -6.34
C SER A 329 16.13 -29.58 -7.23
N ILE A 330 17.19 -30.19 -6.70
CA ILE A 330 17.96 -31.20 -7.39
C ILE A 330 17.03 -32.25 -8.01
N PRO A 331 17.32 -32.68 -9.26
CA PRO A 331 18.44 -32.27 -10.11
C PRO A 331 18.16 -31.05 -11.00
N CYS A 332 17.06 -30.34 -10.74
CA CYS A 332 16.69 -29.16 -11.53
C CYS A 332 17.04 -27.85 -10.84
N GLN A 333 18.23 -27.79 -10.24
CA GLN A 333 18.66 -26.58 -9.56
C GLN A 333 19.12 -25.51 -10.56
N ALA A 334 19.42 -24.31 -10.06
CA ALA A 334 19.84 -23.19 -10.89
C ALA A 334 20.91 -23.54 -11.92
N SER A 335 21.93 -24.28 -11.49
CA SER A 335 23.03 -24.67 -12.36
C SER A 335 22.81 -25.96 -13.15
N ALA A 336 21.60 -26.51 -13.12
CA ALA A 336 21.30 -27.74 -13.85
C ALA A 336 21.61 -27.59 -15.34
N ARG A 337 21.98 -28.70 -16.00
CA ARG A 337 22.32 -28.67 -17.42
C ARG A 337 21.76 -29.84 -18.23
N CYS A 338 21.27 -30.85 -17.55
CA CYS A 338 20.72 -32.01 -18.25
C CYS A 338 19.23 -32.19 -18.07
N PRO A 339 18.54 -32.72 -19.09
CA PRO A 339 17.09 -32.96 -19.03
C PRO A 339 16.75 -33.91 -17.88
N ASN A 340 15.66 -33.62 -17.18
CA ASN A 340 15.21 -34.45 -16.06
C ASN A 340 13.75 -34.20 -15.72
N SER A 341 13.16 -35.11 -14.96
CA SER A 341 11.77 -35.00 -14.57
C SER A 341 11.65 -34.32 -13.22
N CYS A 342 10.92 -33.20 -13.18
CA CYS A 342 10.73 -32.45 -11.94
C CYS A 342 9.68 -31.37 -12.13
N VAL A 343 9.25 -30.80 -10.99
CA VAL A 343 8.27 -29.73 -10.97
C VAL A 343 8.66 -28.84 -9.81
N THR A 344 9.53 -27.87 -10.09
CA THR A 344 10.03 -26.94 -9.08
C THR A 344 10.16 -25.52 -9.67
N GLY A 345 11.24 -24.82 -9.35
CA GLY A 345 11.43 -23.48 -9.87
C GLY A 345 10.61 -22.42 -9.16
N VAL A 346 10.48 -21.27 -9.81
CA VAL A 346 9.75 -20.13 -9.29
C VAL A 346 9.48 -19.16 -10.43
N TYR A 347 8.43 -18.35 -10.30
CA TYR A 347 8.09 -17.38 -11.33
C TYR A 347 8.91 -16.08 -11.19
N THR A 348 9.82 -15.87 -12.13
CA THR A 348 10.65 -14.66 -12.20
C THR A 348 10.75 -14.38 -13.70
N ASP A 349 9.94 -13.45 -14.20
CA ASP A 349 9.94 -13.18 -15.64
C ASP A 349 10.92 -12.13 -16.18
N PRO A 350 11.19 -12.18 -17.49
CA PRO A 350 12.10 -11.27 -18.17
C PRO A 350 11.30 -10.31 -19.09
N TYR A 351 11.53 -9.02 -18.95
CA TYR A 351 10.82 -8.05 -19.79
C TYR A 351 11.71 -7.60 -20.94
N PRO A 352 11.25 -7.75 -22.19
CA PRO A 352 12.00 -7.35 -23.39
C PRO A 352 12.42 -5.88 -23.29
N LEU A 353 13.72 -5.66 -23.10
CA LEU A 353 14.26 -4.31 -22.94
C LEU A 353 15.01 -3.71 -24.14
N ILE A 354 16.06 -4.41 -24.59
CA ILE A 354 16.92 -3.98 -25.68
C ILE A 354 16.76 -4.82 -26.96
N PHE A 355 16.42 -4.16 -28.07
CA PHE A 355 16.24 -4.84 -29.36
C PHE A 355 17.26 -4.40 -30.43
N TYR A 356 17.35 -5.18 -31.51
CA TYR A 356 18.20 -4.89 -32.68
C TYR A 356 17.31 -4.04 -33.58
N ARG A 357 17.93 -3.26 -34.49
CA ARG A 357 17.13 -2.45 -35.41
C ARG A 357 16.23 -3.36 -36.24
N ASN A 358 16.67 -4.60 -36.47
CA ASN A 358 15.89 -5.57 -37.25
C ASN A 358 14.70 -6.09 -36.45
N HIS A 359 14.63 -5.69 -35.18
CA HIS A 359 13.55 -6.04 -34.24
C HIS A 359 13.68 -7.36 -33.46
N THR A 360 14.81 -8.03 -33.65
CA THR A 360 15.07 -9.27 -32.96
C THR A 360 15.50 -8.89 -31.55
N LEU A 361 14.95 -9.58 -30.54
CA LEU A 361 15.28 -9.30 -29.16
C LEU A 361 16.74 -9.57 -28.83
N ARG A 362 17.36 -8.67 -28.05
CA ARG A 362 18.76 -8.80 -27.64
C ARG A 362 18.90 -8.95 -26.14
N GLY A 363 18.25 -8.06 -25.38
CA GLY A 363 18.36 -8.11 -23.93
C GLY A 363 17.07 -7.93 -23.16
N VAL A 364 17.07 -8.34 -21.90
CA VAL A 364 15.87 -8.22 -21.06
C VAL A 364 16.20 -7.77 -19.66
N PHE A 365 15.21 -7.19 -18.99
CA PHE A 365 15.38 -6.78 -17.58
C PHE A 365 14.53 -7.74 -16.75
N GLY A 366 14.96 -7.97 -15.52
CA GLY A 366 14.22 -8.85 -14.62
C GLY A 366 14.87 -8.91 -13.25
N THR A 367 14.15 -9.50 -12.30
CA THR A 367 14.67 -9.69 -10.95
C THR A 367 14.72 -11.19 -10.67
N MET A 368 15.94 -11.71 -10.67
CA MET A 368 16.13 -13.13 -10.45
C MET A 368 16.37 -13.42 -8.98
N LEU A 369 16.16 -14.68 -8.61
CA LEU A 369 16.43 -15.12 -7.26
C LEU A 369 17.85 -15.73 -7.37
N ASP A 370 18.84 -14.95 -6.95
CA ASP A 370 20.24 -15.34 -7.02
C ASP A 370 20.60 -16.41 -6.00
N SER A 371 20.21 -17.64 -6.29
CA SER A 371 20.48 -18.76 -5.39
C SER A 371 20.25 -20.08 -6.11
N GLU A 372 21.01 -21.10 -5.71
CA GLU A 372 20.94 -22.43 -6.30
C GLU A 372 19.66 -23.23 -6.07
N GLN A 373 19.27 -23.39 -4.81
CA GLN A 373 18.07 -24.17 -4.48
C GLN A 373 17.00 -23.41 -3.70
N ALA A 374 17.41 -22.58 -2.75
CA ALA A 374 16.45 -21.83 -1.94
C ALA A 374 15.96 -20.55 -2.59
N ARG A 375 14.70 -20.22 -2.37
CA ARG A 375 14.11 -19.00 -2.91
C ARG A 375 14.71 -17.88 -2.08
N LEU A 376 15.90 -17.48 -2.49
CA LEU A 376 16.65 -16.44 -1.78
C LEU A 376 17.30 -15.41 -2.68
N ASN A 377 17.56 -14.25 -2.07
CA ASN A 377 18.24 -13.12 -2.69
C ASN A 377 17.77 -12.61 -4.04
N PRO A 378 16.83 -11.67 -4.03
CA PRO A 378 16.31 -11.11 -5.27
C PRO A 378 17.42 -10.19 -5.83
N ALA A 379 17.69 -10.29 -7.11
CA ALA A 379 18.72 -9.46 -7.74
C ALA A 379 18.21 -8.94 -9.08
N SER A 380 18.09 -7.61 -9.19
CA SER A 380 17.62 -6.99 -10.41
C SER A 380 18.79 -6.70 -11.36
N ALA A 381 18.60 -7.04 -12.63
CA ALA A 381 19.64 -6.85 -13.63
C ALA A 381 19.16 -6.89 -15.08
N VAL A 382 20.08 -6.64 -16.00
CA VAL A 382 19.80 -6.67 -17.43
C VAL A 382 20.53 -7.90 -17.96
N PHE A 383 19.86 -8.66 -18.83
CA PHE A 383 20.44 -9.87 -19.37
C PHE A 383 20.39 -10.04 -20.88
N ASP A 384 21.44 -10.65 -21.42
CA ASP A 384 21.51 -10.99 -22.84
C ASP A 384 21.50 -12.52 -22.83
N SER A 385 21.69 -13.15 -23.98
CA SER A 385 21.66 -14.62 -24.00
C SER A 385 22.72 -15.32 -23.15
N THR A 386 23.78 -14.60 -22.75
CA THR A 386 24.83 -15.27 -21.98
C THR A 386 25.26 -14.69 -20.63
N SER A 387 25.28 -13.37 -20.50
CA SER A 387 25.72 -12.76 -19.25
C SER A 387 24.72 -11.87 -18.52
N ARG A 388 25.16 -11.35 -17.38
CA ARG A 388 24.35 -10.49 -16.54
C ARG A 388 25.07 -9.19 -16.28
N SER A 389 24.32 -8.11 -16.17
CA SER A 389 24.91 -6.80 -15.93
C SER A 389 25.18 -6.59 -14.46
N ARG A 390 25.49 -5.35 -14.11
CA ARG A 390 25.72 -4.97 -12.73
C ARG A 390 24.34 -5.16 -12.09
N ILE A 391 24.28 -5.57 -10.82
CA ILE A 391 22.99 -5.80 -10.18
C ILE A 391 22.63 -4.83 -9.08
N THR A 392 21.36 -4.92 -8.65
CA THR A 392 20.84 -4.10 -7.56
C THR A 392 20.16 -5.11 -6.65
N ARG A 393 20.59 -5.15 -5.39
CA ARG A 393 20.06 -6.08 -4.42
C ARG A 393 19.07 -5.44 -3.45
N VAL A 394 18.12 -6.24 -2.97
CA VAL A 394 17.12 -5.77 -2.00
C VAL A 394 17.85 -5.65 -0.66
N SER A 395 18.76 -6.58 -0.41
CA SER A 395 19.55 -6.58 0.81
C SER A 395 20.83 -7.40 0.64
N SER A 396 21.91 -6.91 1.27
CA SER A 396 23.20 -7.59 1.23
C SER A 396 23.19 -8.88 2.08
N SER A 397 22.19 -8.97 2.96
CA SER A 397 22.01 -10.14 3.82
C SER A 397 21.13 -11.15 3.10
N SER A 398 21.22 -12.41 3.51
CA SER A 398 20.40 -13.47 2.89
C SER A 398 18.93 -13.08 3.08
N THR A 399 18.17 -13.09 1.99
CA THR A 399 16.76 -12.68 2.05
C THR A 399 15.82 -13.59 1.30
N LYS A 400 14.75 -13.98 2.01
CA LYS A 400 13.73 -14.86 1.46
C LYS A 400 12.83 -14.10 0.52
N ALA A 401 12.47 -14.72 -0.59
CA ALA A 401 11.60 -14.09 -1.57
C ALA A 401 10.95 -15.15 -2.44
N ALA A 402 10.09 -14.71 -3.34
CA ALA A 402 9.41 -15.62 -4.23
C ALA A 402 9.24 -14.97 -5.59
N TYR A 403 8.05 -15.11 -6.17
CA TYR A 403 7.75 -14.56 -7.49
C TYR A 403 8.18 -13.11 -7.75
N THR A 404 8.40 -12.82 -9.03
CA THR A 404 8.72 -11.46 -9.47
C THR A 404 8.21 -11.29 -10.90
N THR A 405 7.52 -10.17 -11.14
CA THR A 405 7.04 -9.87 -12.48
C THR A 405 7.45 -8.44 -12.81
N SER A 406 8.19 -8.30 -13.91
CA SER A 406 8.71 -7.01 -14.34
C SER A 406 8.07 -6.43 -15.58
N THR A 407 8.08 -5.10 -15.65
CA THR A 407 7.52 -4.36 -16.78
C THR A 407 8.24 -3.02 -16.89
N CYS A 408 8.81 -2.74 -18.06
CA CYS A 408 9.54 -1.50 -18.27
C CYS A 408 8.81 -0.53 -19.18
N PHE A 409 9.11 0.75 -19.00
CA PHE A 409 8.46 1.82 -19.77
C PHE A 409 9.35 3.05 -19.73
N LYS A 410 8.99 4.05 -20.52
CA LYS A 410 9.76 5.29 -20.57
C LYS A 410 8.91 6.53 -20.37
N VAL A 411 9.43 7.49 -19.61
CA VAL A 411 8.72 8.75 -19.44
C VAL A 411 9.38 9.58 -20.55
N VAL A 412 8.68 9.79 -21.66
CA VAL A 412 9.30 10.52 -22.78
C VAL A 412 9.73 11.96 -22.46
N LYS A 413 9.01 12.60 -21.54
CA LYS A 413 9.31 13.97 -21.11
C LYS A 413 10.66 14.10 -20.42
N THR A 414 11.04 13.11 -19.62
CA THR A 414 12.32 13.16 -18.91
C THR A 414 13.35 12.28 -19.61
N ASN A 415 12.92 11.58 -20.64
CA ASN A 415 13.77 10.71 -21.43
C ASN A 415 14.46 9.66 -20.55
N LYS A 416 13.71 9.15 -19.58
CA LYS A 416 14.21 8.13 -18.68
C LYS A 416 13.40 6.83 -18.81
N THR A 417 14.13 5.72 -18.86
CA THR A 417 13.56 4.39 -18.97
C THR A 417 13.54 3.74 -17.60
N TYR A 418 12.39 3.22 -17.21
CA TYR A 418 12.24 2.57 -15.92
C TYR A 418 11.73 1.16 -16.04
N CYS A 419 12.04 0.35 -15.03
CA CYS A 419 11.52 -1.00 -14.96
C CYS A 419 10.90 -1.19 -13.59
N LEU A 420 9.63 -1.59 -13.58
CA LEU A 420 8.88 -1.89 -12.36
C LEU A 420 9.14 -3.36 -12.14
N SER A 421 9.59 -3.72 -10.96
CA SER A 421 9.83 -5.13 -10.68
C SER A 421 9.04 -5.53 -9.43
N ILE A 422 7.85 -6.09 -9.66
CA ILE A 422 6.96 -6.52 -8.58
C ILE A 422 7.51 -7.83 -7.99
N ALA A 423 7.89 -7.77 -6.72
CA ALA A 423 8.47 -8.94 -6.08
C ALA A 423 7.90 -9.30 -4.72
N GLU A 424 7.78 -10.61 -4.49
CA GLU A 424 7.28 -11.15 -3.22
C GLU A 424 8.49 -11.28 -2.31
N ILE A 425 8.58 -10.40 -1.33
CA ILE A 425 9.69 -10.37 -0.39
C ILE A 425 9.15 -10.77 0.99
N SER A 426 10.00 -11.41 1.78
CA SER A 426 9.61 -11.82 3.13
C SER A 426 9.30 -10.57 3.97
N ASN A 427 8.50 -10.73 5.00
CA ASN A 427 8.12 -9.61 5.84
C ASN A 427 8.28 -9.97 7.33
N THR A 428 8.01 -9.01 8.21
CA THR A 428 8.07 -9.23 9.65
C THR A 428 6.86 -8.53 10.26
N LEU A 429 6.31 -9.09 11.34
CA LEU A 429 5.12 -8.57 12.04
C LEU A 429 3.82 -8.79 11.27
N PHE A 430 3.77 -8.33 10.02
CA PHE A 430 2.56 -8.44 9.23
C PHE A 430 2.56 -9.42 8.06
N GLY A 431 2.35 -10.70 8.35
CA GLY A 431 2.30 -11.71 7.31
C GLY A 431 3.63 -12.25 6.85
N GLU A 432 3.58 -13.37 6.13
CA GLU A 432 4.77 -14.01 5.61
C GLU A 432 5.39 -13.23 4.44
N PHE A 433 4.55 -12.63 3.60
CA PHE A 433 5.03 -11.88 2.44
C PHE A 433 4.45 -10.47 2.28
N ARG A 434 5.26 -9.61 1.69
CA ARG A 434 4.89 -8.24 1.38
C ARG A 434 5.26 -8.14 -0.11
N ILE A 435 4.27 -7.93 -0.96
CA ILE A 435 4.52 -7.81 -2.38
C ILE A 435 4.88 -6.34 -2.61
N VAL A 436 6.14 -6.08 -2.94
CA VAL A 436 6.58 -4.72 -3.16
C VAL A 436 6.99 -4.40 -4.60
N PRO A 437 6.48 -3.27 -5.11
CA PRO A 437 6.76 -2.81 -6.49
C PRO A 437 8.12 -2.07 -6.52
N LEU A 438 9.18 -2.81 -6.77
CA LEU A 438 10.51 -2.22 -6.84
C LEU A 438 10.60 -1.43 -8.14
N LEU A 439 11.39 -0.37 -8.10
CA LEU A 439 11.56 0.49 -9.27
C LEU A 439 13.01 0.89 -9.53
N VAL A 440 13.45 0.71 -10.79
CA VAL A 440 14.81 1.07 -11.16
C VAL A 440 14.84 1.84 -12.46
N GLU A 441 15.83 2.72 -12.58
CA GLU A 441 16.01 3.48 -13.80
C GLU A 441 17.08 2.69 -14.55
N ILE A 442 16.87 2.49 -15.85
CA ILE A 442 17.86 1.77 -16.65
C ILE A 442 18.97 2.72 -17.05
N LEU A 443 20.18 2.44 -16.58
CA LEU A 443 21.34 3.29 -16.86
C LEU A 443 22.34 2.64 -17.80
N LYS A 444 23.19 3.48 -18.40
CA LYS A 444 24.24 3.01 -19.29
C LYS A 444 25.54 3.69 -18.84
N ASN A 445 26.62 2.92 -18.80
CA ASN A 445 27.93 3.41 -18.38
C ASN A 445 28.26 4.82 -18.87
N ASP A 446 28.10 5.06 -20.17
CA ASP A 446 28.38 6.36 -20.74
C ASP A 446 27.27 6.99 -21.58
N GLY A 447 27.56 8.17 -22.13
CA GLY A 447 26.60 8.89 -22.95
C GLY A 447 27.29 9.89 -23.85
N GLY B 1 -22.88 14.70 -8.31
CA GLY B 1 -22.33 13.33 -8.56
C GLY B 1 -21.02 13.08 -7.83
N ALA B 2 -20.92 13.55 -6.58
CA ALA B 2 -19.71 13.36 -5.77
C ALA B 2 -19.68 11.92 -5.27
N PRO B 3 -18.49 11.40 -4.93
CA PRO B 3 -18.28 10.04 -4.44
C PRO B 3 -18.94 9.87 -3.09
N ILE B 4 -19.48 8.69 -2.83
CA ILE B 4 -20.13 8.45 -1.54
C ILE B 4 -19.89 7.01 -1.09
N HIS B 5 -19.73 6.82 0.22
CA HIS B 5 -19.52 5.48 0.77
C HIS B 5 -20.65 4.57 0.33
N ASP B 6 -20.36 3.28 0.19
CA ASP B 6 -21.39 2.29 -0.19
C ASP B 6 -22.57 2.41 0.78
N PRO B 7 -23.80 2.18 0.29
CA PRO B 7 -25.00 2.25 1.12
C PRO B 7 -24.91 1.56 2.48
N ASP B 8 -24.11 0.50 2.58
CA ASP B 8 -23.96 -0.24 3.84
C ASP B 8 -23.44 0.58 5.04
N PHE B 9 -22.90 1.77 4.77
CA PHE B 9 -22.33 2.63 5.82
C PHE B 9 -23.18 3.84 6.20
N ILE B 10 -24.13 4.20 5.34
CA ILE B 10 -25.00 5.34 5.59
C ILE B 10 -25.61 5.27 6.98
N GLY B 11 -25.36 6.33 7.76
CA GLY B 11 -25.85 6.39 9.13
C GLY B 11 -24.82 5.93 10.13
N GLY B 12 -23.73 5.36 9.63
CA GLY B 12 -22.67 4.85 10.50
C GLY B 12 -21.36 5.61 10.51
N ILE B 13 -21.31 6.75 9.83
CA ILE B 13 -20.09 7.56 9.76
C ILE B 13 -20.19 8.84 10.58
N GLY B 14 -19.24 9.03 11.50
CA GLY B 14 -19.19 10.23 12.32
C GLY B 14 -20.29 10.44 13.35
N LYS B 15 -20.95 9.36 13.77
CA LYS B 15 -22.02 9.47 14.77
C LYS B 15 -21.55 8.84 16.06
N GLU B 16 -22.32 9.05 17.14
CA GLU B 16 -21.98 8.44 18.42
C GLU B 16 -22.22 6.97 18.19
N LEU B 17 -21.16 6.17 18.28
CA LEU B 17 -21.26 4.74 18.02
C LEU B 17 -21.97 3.87 19.03
N ILE B 18 -21.71 4.13 20.31
CA ILE B 18 -22.31 3.33 21.35
C ILE B 18 -22.93 4.17 22.45
N VAL B 19 -24.26 4.13 22.52
CA VAL B 19 -25.00 4.86 23.54
C VAL B 19 -25.45 3.80 24.53
N ASP B 20 -25.02 3.97 25.77
CA ASP B 20 -25.34 3.04 26.83
C ASP B 20 -24.94 3.73 28.13
N ASN B 21 -25.84 3.72 29.11
CA ASN B 21 -25.57 4.35 30.41
C ASN B 21 -25.32 3.28 31.46
N ALA B 22 -25.82 2.08 31.19
CA ALA B 22 -25.70 0.94 32.09
C ALA B 22 -24.31 0.31 32.16
N SER B 23 -23.90 -0.32 31.05
CA SER B 23 -22.63 -1.01 30.95
C SER B 23 -21.36 -0.24 31.32
N ASP B 24 -20.37 -0.98 31.82
CA ASP B 24 -19.07 -0.40 32.18
C ASP B 24 -18.36 -0.17 30.84
N VAL B 25 -17.71 0.98 30.71
CA VAL B 25 -17.03 1.29 29.46
C VAL B 25 -16.00 0.23 29.05
N THR B 26 -15.25 -0.27 30.02
CA THR B 26 -14.21 -1.27 29.75
C THR B 26 -14.67 -2.69 29.44
N SER B 27 -15.98 -2.89 29.39
CA SER B 27 -16.50 -4.22 29.06
C SER B 27 -16.46 -4.34 27.53
N PHE B 28 -16.30 -3.18 26.88
CA PHE B 28 -16.17 -3.11 25.43
C PHE B 28 -14.66 -3.19 25.15
N TYR B 29 -14.26 -4.13 24.29
CA TYR B 29 -12.85 -4.32 23.99
C TYR B 29 -12.65 -4.60 22.50
N PRO B 30 -11.45 -4.31 21.97
CA PRO B 30 -11.15 -4.54 20.56
C PRO B 30 -10.86 -6.00 20.27
N SER B 31 -11.21 -6.44 19.06
CA SER B 31 -10.98 -7.80 18.64
C SER B 31 -9.52 -7.98 18.23
N ALA B 32 -9.19 -9.14 17.65
CA ALA B 32 -7.85 -9.36 17.15
C ALA B 32 -7.83 -8.51 15.87
N PHE B 33 -6.66 -8.02 15.47
CA PHE B 33 -6.55 -7.17 14.28
C PHE B 33 -7.18 -7.83 13.05
N GLN B 34 -8.05 -7.08 12.37
CA GLN B 34 -8.72 -7.57 11.16
C GLN B 34 -7.92 -7.28 9.88
N GLU B 35 -7.96 -8.22 8.94
CA GLU B 35 -7.26 -8.08 7.67
C GLU B 35 -8.14 -7.37 6.63
N HIS B 36 -7.70 -6.23 6.13
CA HIS B 36 -8.44 -5.48 5.12
C HIS B 36 -7.48 -4.83 4.14
N LEU B 37 -8.04 -4.28 3.06
CA LEU B 37 -7.27 -3.61 2.01
C LEU B 37 -6.40 -2.52 2.60
N ASN B 38 -5.10 -2.73 2.58
CA ASN B 38 -4.17 -1.73 3.11
C ASN B 38 -4.08 -0.60 2.10
N PHE B 39 -4.67 0.55 2.43
CA PHE B 39 -4.70 1.71 1.55
C PHE B 39 -3.55 2.67 1.77
N ILE B 40 -2.69 2.38 2.72
CA ILE B 40 -1.55 3.26 3.01
C ILE B 40 -0.25 2.71 2.44
N PRO B 41 0.32 3.40 1.45
CA PRO B 41 1.58 3.03 0.77
C PRO B 41 2.75 2.82 1.72
N ALA B 42 3.48 1.75 1.50
CA ALA B 42 4.66 1.41 2.28
C ALA B 42 5.91 1.89 1.49
N PRO B 43 7.07 2.05 2.17
CA PRO B 43 8.27 2.48 1.44
C PRO B 43 8.67 1.44 0.39
N THR B 44 9.34 1.87 -0.66
CA THR B 44 9.79 0.95 -1.70
C THR B 44 11.32 0.82 -1.76
N THR B 45 12.02 1.53 -0.89
CA THR B 45 13.48 1.46 -0.86
C THR B 45 13.95 1.24 0.58
N GLY B 46 15.22 0.84 0.70
CA GLY B 46 15.80 0.60 2.01
C GLY B 46 15.86 1.78 2.96
N SER B 47 15.72 3.01 2.45
CA SER B 47 15.81 4.17 3.34
C SER B 47 14.70 5.21 3.22
N GLY B 48 13.72 4.93 2.37
CA GLY B 48 12.62 5.87 2.21
C GLY B 48 11.90 6.02 3.53
N CYS B 49 11.60 7.26 3.91
CA CYS B 49 10.93 7.52 5.17
C CYS B 49 9.52 8.07 5.04
N THR B 50 8.53 7.22 5.32
CA THR B 50 7.11 7.64 5.27
C THR B 50 6.65 7.86 6.70
N ARG B 51 6.30 9.09 7.05
CA ARG B 51 5.82 9.38 8.41
C ARG B 51 4.81 10.50 8.43
N ILE B 52 4.28 10.77 9.63
CA ILE B 52 3.33 11.85 9.86
C ILE B 52 1.98 11.68 9.14
N PRO B 53 1.19 10.67 9.56
CA PRO B 53 -0.12 10.34 8.99
C PRO B 53 -1.22 11.25 9.51
N SER B 54 -2.10 11.68 8.62
CA SER B 54 -3.23 12.55 8.96
C SER B 54 -4.44 11.92 8.28
N PHE B 55 -5.53 11.79 9.02
CA PHE B 55 -6.74 11.16 8.49
C PHE B 55 -8.03 11.76 9.03
N ASP B 56 -9.02 11.85 8.16
CA ASP B 56 -10.34 12.37 8.52
C ASP B 56 -11.35 11.79 7.54
N MET B 57 -12.52 11.45 8.06
CA MET B 57 -13.57 10.89 7.21
C MET B 57 -14.92 11.54 7.49
N SER B 58 -15.52 12.09 6.42
CA SER B 58 -16.83 12.71 6.55
C SER B 58 -17.91 11.67 6.27
N ALA B 59 -19.16 12.11 6.24
CA ALA B 59 -20.28 11.22 5.98
C ALA B 59 -20.28 10.76 4.51
N THR B 60 -19.40 11.32 3.69
CA THR B 60 -19.35 10.92 2.29
C THR B 60 -18.05 10.29 1.80
N HIS B 61 -16.91 10.81 2.23
CA HIS B 61 -15.61 10.29 1.81
C HIS B 61 -14.54 10.45 2.89
N TYR B 62 -13.38 9.83 2.66
CA TYR B 62 -12.25 9.92 3.60
C TYR B 62 -11.04 10.54 2.94
N CYS B 63 -10.16 11.08 3.78
CA CYS B 63 -8.94 11.72 3.31
C CYS B 63 -7.78 11.21 4.13
N TYR B 64 -6.68 10.91 3.44
CA TYR B 64 -5.48 10.45 4.11
C TYR B 64 -4.26 11.10 3.48
N THR B 65 -3.21 11.27 4.28
CA THR B 65 -1.96 11.85 3.79
C THR B 65 -0.77 11.57 4.71
N HIS B 66 0.41 11.47 4.10
CA HIS B 66 1.63 11.28 4.87
C HIS B 66 2.85 11.87 4.15
N ASN B 67 3.87 12.19 4.92
CA ASN B 67 5.09 12.79 4.41
C ASN B 67 6.06 11.71 3.93
N VAL B 68 6.84 12.00 2.89
CA VAL B 68 7.82 11.04 2.36
C VAL B 68 9.15 11.75 2.17
N ILE B 69 10.23 11.12 2.64
CA ILE B 69 11.58 11.68 2.52
C ILE B 69 12.42 10.55 1.95
N LEU B 70 13.10 10.83 0.84
CA LEU B 70 13.90 9.82 0.17
C LEU B 70 15.05 9.17 0.91
N SER B 71 15.90 9.97 1.55
CA SER B 71 17.07 9.43 2.23
C SER B 71 16.94 8.89 3.64
N GLY B 72 16.04 9.45 4.44
CA GLY B 72 15.87 8.97 5.80
C GLY B 72 14.98 9.89 6.60
N CYS B 73 14.55 9.45 7.77
CA CYS B 73 13.65 10.30 8.57
C CYS B 73 14.31 11.55 9.13
N ARG B 74 15.64 11.54 9.20
CA ARG B 74 16.42 12.64 9.72
C ARG B 74 16.60 13.80 8.72
N ASP B 75 16.73 13.47 7.44
CA ASP B 75 16.92 14.44 6.37
C ASP B 75 15.80 15.49 6.32
N HIS B 76 16.19 16.76 6.37
CA HIS B 76 15.23 17.86 6.36
C HIS B 76 15.24 18.76 5.12
N SER B 77 16.07 18.43 4.13
CA SER B 77 16.16 19.27 2.93
C SER B 77 14.88 19.38 2.11
N HIS B 78 14.30 18.24 1.75
CA HIS B 78 13.09 18.20 0.93
C HIS B 78 12.29 16.90 1.09
N SER B 79 11.00 16.99 0.79
CA SER B 79 10.11 15.84 0.90
C SER B 79 8.86 16.08 0.10
N HIS B 80 8.04 15.03 -0.03
CA HIS B 80 6.79 15.14 -0.74
C HIS B 80 5.67 14.55 0.10
N GLN B 81 4.44 14.72 -0.35
CA GLN B 81 3.29 14.20 0.35
C GLN B 81 2.55 13.21 -0.51
N TYR B 82 2.03 12.17 0.14
CA TYR B 82 1.18 11.18 -0.52
C TYR B 82 -0.22 11.66 -0.12
N LEU B 83 -1.14 11.68 -1.07
CA LEU B 83 -2.49 12.14 -0.78
C LEU B 83 -3.51 11.16 -1.35
N ALA B 84 -4.52 10.84 -0.55
CA ALA B 84 -5.57 9.92 -0.98
C ALA B 84 -6.96 10.39 -0.59
N LEU B 85 -7.90 10.20 -1.51
CA LEU B 85 -9.31 10.54 -1.30
C LEU B 85 -10.05 9.26 -1.69
N GLY B 86 -10.98 8.84 -0.85
CA GLY B 86 -11.70 7.61 -1.15
C GLY B 86 -13.00 7.44 -0.40
N VAL B 87 -13.58 6.25 -0.52
CA VAL B 87 -14.85 5.95 0.13
C VAL B 87 -14.88 4.50 0.67
N LEU B 88 -15.56 4.30 1.81
CA LEU B 88 -15.67 2.97 2.40
C LEU B 88 -16.65 2.11 1.60
N ARG B 89 -16.29 0.84 1.36
CA ARG B 89 -17.14 -0.10 0.62
C ARG B 89 -17.08 -1.47 1.27
N THR B 90 -17.99 -2.36 0.87
CA THR B 90 -18.01 -3.71 1.42
C THR B 90 -17.99 -4.75 0.32
N THR B 91 -17.37 -5.88 0.63
CA THR B 91 -17.28 -7.00 -0.29
C THR B 91 -18.65 -7.70 -0.29
N ALA B 92 -18.79 -8.75 -1.10
CA ALA B 92 -20.04 -9.48 -1.13
C ALA B 92 -20.21 -10.13 0.25
N THR B 93 -19.08 -10.53 0.83
CA THR B 93 -19.05 -11.18 2.12
C THR B 93 -19.13 -10.21 3.30
N GLY B 94 -19.37 -8.93 3.00
CA GLY B 94 -19.48 -7.94 4.05
C GLY B 94 -18.20 -7.46 4.72
N ARG B 95 -17.05 -7.79 4.12
CA ARG B 95 -15.76 -7.33 4.64
C ARG B 95 -15.60 -5.90 4.16
N ILE B 96 -15.13 -5.02 5.04
CA ILE B 96 -14.96 -3.62 4.66
C ILE B 96 -13.64 -3.36 3.95
N PHE B 97 -13.62 -2.30 3.15
CA PHE B 97 -12.40 -1.88 2.48
C PHE B 97 -12.42 -0.43 2.07
N PHE B 98 -11.40 0.30 2.52
CA PHE B 98 -11.24 1.71 2.17
C PHE B 98 -10.79 1.68 0.71
N SER B 99 -11.66 2.17 -0.18
CA SER B 99 -11.41 2.18 -1.61
C SER B 99 -11.00 3.59 -2.05
N THR B 100 -9.71 3.83 -2.26
CA THR B 100 -9.32 5.17 -2.66
C THR B 100 -9.64 5.42 -4.13
N LEU B 101 -10.02 6.66 -4.44
CA LEU B 101 -10.40 7.06 -5.79
C LEU B 101 -9.34 7.92 -6.47
N ARG B 102 -8.69 8.78 -5.68
CA ARG B 102 -7.64 9.65 -6.17
C ARG B 102 -6.41 9.40 -5.30
N SER B 103 -5.39 8.84 -5.92
CA SER B 103 -4.14 8.48 -5.27
C SER B 103 -3.05 9.30 -5.94
N ILE B 104 -2.39 10.18 -5.21
CA ILE B 104 -1.33 10.99 -5.82
C ILE B 104 -0.11 11.25 -4.97
N SER B 105 0.98 11.55 -5.65
CA SER B 105 2.24 11.94 -5.01
C SER B 105 2.34 13.44 -5.30
N LEU B 106 2.38 14.25 -4.26
CA LEU B 106 2.47 15.69 -4.45
C LEU B 106 3.92 16.13 -4.26
N ASP B 107 4.57 16.51 -5.36
CA ASP B 107 5.97 16.92 -5.27
C ASP B 107 6.38 18.06 -6.20
N ASP B 108 6.69 19.21 -5.60
CA ASP B 108 7.12 20.36 -6.37
C ASP B 108 8.34 21.03 -5.75
N THR B 109 8.53 22.31 -6.00
CA THR B 109 9.69 23.01 -5.47
C THR B 109 9.62 23.32 -3.98
N GLN B 110 8.44 23.14 -3.40
CA GLN B 110 8.25 23.42 -1.98
C GLN B 110 8.24 22.23 -1.02
N ASN B 111 8.67 22.49 0.21
CA ASN B 111 8.72 21.45 1.23
C ASN B 111 7.59 21.58 2.24
N ARG B 112 6.51 20.83 2.00
CA ARG B 112 5.36 20.84 2.88
C ARG B 112 5.61 19.89 4.05
N LYS B 113 5.34 20.39 5.26
CA LYS B 113 5.55 19.59 6.46
C LYS B 113 4.42 19.70 7.51
N SER B 114 4.30 18.66 8.35
CA SER B 114 3.29 18.64 9.43
C SER B 114 1.88 18.87 8.88
N CYS B 115 1.60 18.26 7.73
CA CYS B 115 0.33 18.39 7.02
C CYS B 115 -0.90 17.71 7.64
N SER B 116 -2.03 18.41 7.56
CA SER B 116 -3.31 17.93 8.09
C SER B 116 -4.40 17.91 7.03
N VAL B 117 -5.26 16.91 7.07
CA VAL B 117 -6.35 16.83 6.11
C VAL B 117 -7.72 16.81 6.74
N SER B 118 -8.72 17.19 5.96
CA SER B 118 -10.09 17.21 6.39
C SER B 118 -11.01 16.91 5.21
N ALA B 119 -12.08 16.16 5.47
CA ALA B 119 -13.02 15.80 4.42
C ALA B 119 -14.09 16.90 4.31
N THR B 120 -14.02 17.68 3.26
CA THR B 120 -14.99 18.76 3.06
C THR B 120 -15.83 18.43 1.84
N PRO B 121 -16.98 19.10 1.67
CA PRO B 121 -17.86 18.87 0.52
C PRO B 121 -17.15 19.04 -0.83
N LEU B 122 -16.03 19.75 -0.84
CA LEU B 122 -15.28 19.94 -2.07
C LEU B 122 -14.13 18.97 -2.28
N GLY B 123 -13.87 18.10 -1.30
CA GLY B 123 -12.80 17.13 -1.42
C GLY B 123 -11.99 16.90 -0.15
N CYS B 124 -10.68 16.86 -0.33
CA CYS B 124 -9.77 16.67 0.78
C CYS B 124 -8.95 17.94 0.99
N ASP B 125 -9.38 18.76 1.93
CA ASP B 125 -8.68 20.00 2.24
C ASP B 125 -7.42 19.66 3.03
N MET B 126 -6.31 20.31 2.71
CA MET B 126 -5.07 20.06 3.41
C MET B 126 -4.43 21.35 3.91
N LEU B 127 -3.87 21.31 5.12
CA LEU B 127 -3.18 22.46 5.68
C LEU B 127 -1.75 22.05 5.96
N CYS B 128 -0.80 22.71 5.31
CA CYS B 128 0.61 22.40 5.50
C CYS B 128 1.45 23.65 5.81
N SER B 129 2.67 23.41 6.23
CA SER B 129 3.62 24.47 6.49
C SER B 129 4.71 24.28 5.47
N LYS B 130 5.08 25.34 4.76
CA LYS B 130 6.17 25.25 3.79
C LYS B 130 7.38 25.79 4.50
N VAL B 131 8.29 24.91 4.87
CA VAL B 131 9.48 25.29 5.62
C VAL B 131 10.81 25.10 4.90
N THR B 132 11.73 26.02 5.18
CA THR B 132 13.08 26.00 4.62
C THR B 132 14.09 25.71 5.74
N GLU B 133 13.71 26.08 6.95
CA GLU B 133 14.56 25.89 8.12
C GLU B 133 14.06 24.77 9.02
N THR B 134 14.95 24.25 9.87
CA THR B 134 14.59 23.20 10.81
C THR B 134 13.65 23.79 11.87
N GLU B 135 13.07 22.93 12.70
CA GLU B 135 12.17 23.39 13.75
C GLU B 135 12.89 24.37 14.67
N GLU B 136 14.05 23.96 15.19
CA GLU B 136 14.86 24.79 16.07
C GLU B 136 15.11 26.16 15.43
N GLU B 137 15.41 26.16 14.13
CA GLU B 137 15.69 27.38 13.38
C GLU B 137 14.48 28.30 13.19
N ASP B 138 13.33 27.71 12.90
CA ASP B 138 12.09 28.46 12.67
C ASP B 138 11.67 29.26 13.91
N TYR B 139 11.82 28.64 15.07
CA TYR B 139 11.49 29.29 16.34
C TYR B 139 12.38 30.52 16.53
N ASN B 140 13.67 30.38 16.22
CA ASN B 140 14.63 31.49 16.33
C ASN B 140 14.32 32.64 15.37
N SER B 141 13.93 32.33 14.14
CA SER B 141 13.57 33.36 13.17
C SER B 141 12.20 33.94 13.55
N ALA B 142 12.23 35.18 14.02
CA ALA B 142 11.03 35.89 14.46
C ALA B 142 9.88 35.94 13.47
N VAL B 143 10.14 35.65 12.21
CA VAL B 143 9.08 35.69 11.20
C VAL B 143 8.23 34.43 11.28
N PRO B 144 6.91 34.56 11.04
CA PRO B 144 6.03 33.39 11.10
C PRO B 144 6.39 32.37 10.01
N THR B 145 5.90 31.15 10.19
CA THR B 145 6.15 30.07 9.24
C THR B 145 5.20 30.21 8.06
N LEU B 146 5.63 29.81 6.87
CA LEU B 146 4.75 29.91 5.71
C LEU B 146 3.76 28.75 5.70
N MET B 147 2.48 29.08 5.52
CA MET B 147 1.42 28.07 5.50
C MET B 147 0.60 28.15 4.21
N ALA B 148 0.04 27.01 3.82
CA ALA B 148 -0.78 26.93 2.63
C ALA B 148 -1.97 26.03 2.85
N HIS B 149 -3.09 26.45 2.30
CA HIS B 149 -4.34 25.72 2.37
C HIS B 149 -4.56 25.09 1.00
N GLY B 150 -4.32 23.78 0.92
CA GLY B 150 -4.50 23.07 -0.34
C GLY B 150 -5.74 22.23 -0.40
N ARG B 151 -5.94 21.54 -1.52
CA ARG B 151 -7.10 20.66 -1.71
C ARG B 151 -7.03 19.66 -2.87
N LEU B 152 -7.24 18.38 -2.57
CA LEU B 152 -7.29 17.35 -3.60
C LEU B 152 -8.77 17.23 -3.93
N GLY B 153 -9.15 17.63 -5.15
CA GLY B 153 -10.54 17.58 -5.55
C GLY B 153 -11.00 16.22 -6.00
N PHE B 154 -12.30 16.05 -6.12
CA PHE B 154 -12.86 14.77 -6.56
C PHE B 154 -12.35 14.39 -7.95
N ASP B 155 -11.99 15.40 -8.73
CA ASP B 155 -11.49 15.22 -10.08
C ASP B 155 -10.04 14.74 -10.11
N GLY B 156 -9.44 14.62 -8.94
CA GLY B 156 -8.05 14.17 -8.83
C GLY B 156 -7.02 15.27 -8.96
N GLN B 157 -7.51 16.50 -8.99
CA GLN B 157 -6.65 17.66 -9.12
C GLN B 157 -6.31 18.31 -7.79
N TYR B 158 -5.09 18.83 -7.68
CA TYR B 158 -4.65 19.50 -6.46
C TYR B 158 -4.40 20.99 -6.67
N HIS B 159 -5.04 21.81 -5.85
CA HIS B 159 -4.85 23.25 -5.90
C HIS B 159 -4.57 23.74 -4.49
N GLU B 160 -3.76 24.78 -4.39
CA GLU B 160 -3.47 25.36 -3.09
C GLU B 160 -3.22 26.86 -3.20
N LYS B 161 -3.28 27.53 -2.05
CA LYS B 161 -3.06 28.95 -1.97
C LYS B 161 -2.28 29.24 -0.69
N ASP B 162 -1.16 29.95 -0.82
CA ASP B 162 -0.37 30.29 0.36
C ASP B 162 -1.18 31.24 1.22
N LEU B 163 -1.06 31.12 2.53
CA LEU B 163 -1.78 32.01 3.43
C LEU B 163 -0.91 33.23 3.75
N ASP B 164 -1.57 34.36 4.01
CA ASP B 164 -0.89 35.61 4.34
C ASP B 164 -0.40 35.52 5.79
N VAL B 165 0.57 34.64 6.05
CA VAL B 165 1.08 34.44 7.40
C VAL B 165 1.63 35.67 8.11
N THR B 166 2.13 36.65 7.35
CA THR B 166 2.67 37.86 7.96
C THR B 166 1.61 38.71 8.63
N THR B 167 0.35 38.45 8.30
CA THR B 167 -0.77 39.18 8.88
C THR B 167 -1.61 38.26 9.78
N LEU B 168 -1.81 37.03 9.33
CA LEU B 168 -2.59 36.03 10.06
C LEU B 168 -1.86 35.54 11.31
N PHE B 169 -0.59 35.18 11.15
CA PHE B 169 0.20 34.69 12.27
C PHE B 169 1.26 35.74 12.65
N GLU B 170 0.85 37.01 12.59
CA GLU B 170 1.69 38.16 12.90
C GLU B 170 2.43 38.12 14.25
N ASP B 171 1.75 37.64 15.29
CA ASP B 171 2.36 37.58 16.61
C ASP B 171 3.06 36.24 16.86
N TRP B 172 3.34 35.50 15.79
CA TRP B 172 3.97 34.18 15.92
C TRP B 172 5.38 34.08 15.32
N VAL B 173 6.24 33.29 15.97
CA VAL B 173 7.60 33.10 15.49
C VAL B 173 7.68 31.80 14.66
N ALA B 174 6.82 30.85 15.01
CA ALA B 174 6.73 29.55 14.35
C ALA B 174 5.29 29.03 14.48
N ASN B 175 4.80 28.37 13.45
CA ASN B 175 3.44 27.86 13.44
C ASN B 175 3.29 26.67 12.49
N TYR B 176 2.66 25.61 12.97
CA TYR B 176 2.47 24.41 12.18
C TYR B 176 1.11 23.77 12.44
N PRO B 177 0.59 23.03 11.46
CA PRO B 177 -0.72 22.35 11.63
C PRO B 177 -0.50 21.24 12.65
N GLY B 178 -1.56 20.81 13.32
CA GLY B 178 -1.42 19.77 14.34
C GLY B 178 -1.21 18.33 13.89
N VAL B 179 -1.07 18.15 12.58
CA VAL B 179 -0.90 16.86 11.90
C VAL B 179 -2.12 15.95 12.00
N GLY B 180 -2.78 15.94 13.15
CA GLY B 180 -3.98 15.15 13.29
C GLY B 180 -5.01 15.76 12.34
N GLY B 181 -6.02 14.98 11.97
CA GLY B 181 -7.01 15.49 11.05
C GLY B 181 -7.76 16.75 11.45
N GLY B 182 -8.26 17.45 10.44
CA GLY B 182 -9.06 18.63 10.68
C GLY B 182 -10.51 18.22 10.46
N SER B 183 -11.47 19.09 10.76
CA SER B 183 -12.88 18.75 10.58
C SER B 183 -13.70 19.83 9.88
N PHE B 184 -14.74 19.40 9.17
CA PHE B 184 -15.62 20.34 8.46
C PHE B 184 -16.85 20.66 9.32
N ILE B 185 -17.02 21.93 9.65
CA ILE B 185 -18.13 22.39 10.48
C ILE B 185 -18.69 23.73 10.00
N ASP B 186 -20.00 23.78 9.79
CA ASP B 186 -20.71 24.99 9.36
C ASP B 186 -20.02 25.76 8.22
N GLY B 187 -19.87 25.11 7.06
CA GLY B 187 -19.25 25.76 5.92
C GLY B 187 -17.79 26.13 6.08
N ARG B 188 -17.16 25.65 7.15
CA ARG B 188 -15.75 25.95 7.37
C ARG B 188 -14.95 24.72 7.74
N VAL B 189 -13.68 24.71 7.32
CA VAL B 189 -12.78 23.61 7.65
C VAL B 189 -11.96 24.10 8.85
N TRP B 190 -11.96 23.31 9.91
CA TRP B 190 -11.25 23.65 11.14
C TRP B 190 -9.98 22.85 11.34
N PHE B 191 -8.88 23.57 11.56
CA PHE B 191 -7.59 22.94 11.77
C PHE B 191 -6.94 23.28 13.10
N SER B 192 -6.31 22.26 13.68
CA SER B 192 -5.57 22.39 14.91
C SER B 192 -4.19 22.91 14.52
N VAL B 193 -3.70 23.92 15.23
CA VAL B 193 -2.39 24.49 14.95
C VAL B 193 -1.69 24.94 16.22
N TYR B 194 -0.39 24.69 16.27
CA TYR B 194 0.42 25.08 17.42
C TYR B 194 1.72 25.72 16.93
N GLY B 195 2.47 26.30 17.84
CA GLY B 195 3.71 26.94 17.46
C GLY B 195 4.23 27.82 18.56
N GLY B 196 5.05 28.80 18.19
CA GLY B 196 5.62 29.72 19.17
C GLY B 196 5.18 31.15 18.96
N LEU B 197 4.93 31.85 20.07
CA LEU B 197 4.50 33.24 20.03
C LEU B 197 5.68 34.20 20.13
N LYS B 198 5.56 35.34 19.46
CA LYS B 198 6.58 36.38 19.48
C LYS B 198 6.50 36.98 20.89
N PRO B 199 7.59 36.87 21.67
CA PRO B 199 7.62 37.41 23.03
C PRO B 199 7.25 38.89 23.10
N ASN B 200 6.39 39.21 24.06
CA ASN B 200 5.89 40.57 24.27
C ASN B 200 4.92 41.11 23.23
N SER B 201 4.45 40.24 22.34
CA SER B 201 3.48 40.64 21.32
C SER B 201 2.10 40.63 21.98
N PRO B 202 1.10 41.29 21.37
CA PRO B 202 -0.24 41.30 21.96
C PRO B 202 -0.72 39.91 22.39
N SER B 203 -0.58 38.94 21.48
CA SER B 203 -1.01 37.56 21.74
C SER B 203 -0.26 36.89 22.88
N ASP B 204 1.01 37.26 23.05
CA ASP B 204 1.84 36.69 24.10
C ASP B 204 1.51 37.27 25.48
N THR B 205 1.30 38.59 25.53
CA THR B 205 0.99 39.25 26.78
C THR B 205 -0.29 38.76 27.44
N VAL B 206 -1.33 38.52 26.63
CA VAL B 206 -2.59 38.04 27.16
C VAL B 206 -2.48 36.64 27.79
N GLN B 207 -1.55 35.83 27.29
CA GLN B 207 -1.36 34.47 27.81
C GLN B 207 -0.43 34.46 29.03
N GLU B 208 0.17 35.61 29.30
CA GLU B 208 1.11 35.79 30.41
C GLU B 208 0.42 35.63 31.78
N GLY B 209 0.93 34.70 32.57
CA GLY B 209 0.34 34.47 33.88
C GLY B 209 -0.78 33.45 33.83
N LYS B 210 -1.28 33.20 32.61
CA LYS B 210 -2.33 32.22 32.42
C LYS B 210 -1.74 30.83 32.38
N TYR B 211 -2.34 29.94 33.15
CA TYR B 211 -1.88 28.55 33.24
C TYR B 211 -3.05 27.71 33.73
N VAL B 212 -2.78 26.44 33.99
CA VAL B 212 -3.78 25.52 34.48
C VAL B 212 -3.11 24.19 34.78
N ILE B 213 -3.55 23.55 35.86
CA ILE B 213 -3.00 22.26 36.26
C ILE B 213 -4.05 21.16 36.15
N TYR B 214 -3.74 20.13 35.37
CA TYR B 214 -4.63 18.99 35.24
C TYR B 214 -3.89 17.91 35.99
N LYS B 215 -4.62 17.16 36.82
CA LYS B 215 -4.00 16.14 37.66
C LYS B 215 -4.36 14.69 37.32
N ARG B 216 -3.62 13.75 37.88
CA ARG B 216 -3.91 12.34 37.65
C ARG B 216 -4.97 11.93 38.67
N TYR B 217 -5.88 11.06 38.25
CA TYR B 217 -6.96 10.59 39.10
C TYR B 217 -6.53 9.92 40.41
N ASN B 218 -5.83 8.79 40.30
CA ASN B 218 -5.41 8.06 41.48
C ASN B 218 -4.20 8.67 42.19
N ASP B 219 -3.26 9.22 41.43
CA ASP B 219 -2.06 9.84 42.01
C ASP B 219 -2.27 11.27 42.46
N THR B 220 -1.39 11.72 43.35
CA THR B 220 -1.46 13.08 43.87
C THR B 220 -0.05 13.66 43.87
N CYS B 221 0.06 14.92 43.45
CA CYS B 221 1.35 15.60 43.39
C CYS B 221 1.82 16.09 44.76
N PRO B 222 2.97 15.58 45.25
CA PRO B 222 3.56 15.93 46.54
C PRO B 222 4.08 17.37 46.61
N ASP B 223 4.56 17.90 45.49
CA ASP B 223 5.09 19.27 45.46
C ASP B 223 4.13 20.27 46.11
N GLU B 224 4.69 21.34 46.67
CA GLU B 224 3.88 22.37 47.31
C GLU B 224 3.06 23.15 46.30
N GLN B 225 1.88 23.61 46.71
CA GLN B 225 0.98 24.38 45.85
C GLN B 225 1.60 25.59 45.17
N ASP B 226 2.71 26.08 45.71
CA ASP B 226 3.40 27.24 45.12
C ASP B 226 4.37 26.81 44.03
N TYR B 227 5.09 25.72 44.30
CA TYR B 227 6.07 25.16 43.37
C TYR B 227 5.36 24.74 42.08
N GLN B 228 4.22 24.07 42.24
CA GLN B 228 3.42 23.59 41.13
C GLN B 228 3.01 24.75 40.22
N ILE B 229 2.43 25.79 40.80
CA ILE B 229 2.00 26.95 40.01
C ILE B 229 3.18 27.55 39.25
N ARG B 230 4.35 27.61 39.90
CA ARG B 230 5.54 28.15 39.27
C ARG B 230 5.97 27.25 38.11
N MET B 231 5.81 25.94 38.29
CA MET B 231 6.14 24.96 37.26
C MET B 231 5.19 25.04 36.07
N ALA B 232 3.89 25.15 36.36
CA ALA B 232 2.87 25.23 35.33
C ALA B 232 3.13 26.44 34.44
N LYS B 233 3.39 27.58 35.07
CA LYS B 233 3.65 28.82 34.35
C LYS B 233 4.81 28.63 33.38
N SER B 234 5.83 27.89 33.82
CA SER B 234 7.02 27.66 32.99
C SER B 234 6.87 26.57 31.94
N SER B 235 5.88 25.70 32.08
CA SER B 235 5.68 24.63 31.12
C SER B 235 5.25 25.19 29.76
N TYR B 236 4.85 26.45 29.75
CA TYR B 236 4.42 27.13 28.53
C TYR B 236 5.59 27.77 27.80
N LYS B 237 6.69 27.99 28.53
CA LYS B 237 7.91 28.56 27.97
C LYS B 237 9.03 27.59 28.29
N PRO B 238 8.96 26.37 27.72
CA PRO B 238 9.97 25.34 27.95
C PRO B 238 11.34 25.67 27.38
N GLY B 239 12.33 24.84 27.72
CA GLY B 239 13.68 25.06 27.26
C GLY B 239 13.91 24.85 25.78
N ARG B 240 13.66 23.63 25.32
CA ARG B 240 13.85 23.20 23.92
C ARG B 240 13.82 24.26 22.83
N PHE B 241 12.92 25.22 22.94
CA PHE B 241 12.80 26.26 21.92
C PHE B 241 13.14 27.68 22.36
N GLY B 242 14.20 27.79 23.17
CA GLY B 242 14.66 29.09 23.64
C GLY B 242 13.71 29.87 24.52
N GLY B 243 12.97 29.15 25.36
CA GLY B 243 12.03 29.78 26.28
C GLY B 243 10.90 30.54 25.62
N LYS B 244 10.59 30.19 24.36
CA LYS B 244 9.49 30.86 23.65
C LYS B 244 8.19 30.23 24.13
N ARG B 245 7.08 30.95 23.99
CA ARG B 245 5.80 30.40 24.41
C ARG B 245 5.16 29.56 23.32
N ILE B 246 5.05 28.25 23.59
CA ILE B 246 4.42 27.32 22.66
C ILE B 246 2.92 27.42 22.91
N GLN B 247 2.21 28.08 21.98
CA GLN B 247 0.77 28.28 22.09
C GLN B 247 -0.09 27.34 21.24
N GLN B 248 -1.27 27.00 21.75
CA GLN B 248 -2.21 26.15 21.03
C GLN B 248 -3.21 27.07 20.34
N ALA B 249 -3.59 26.74 19.12
CA ALA B 249 -4.54 27.58 18.39
C ALA B 249 -5.42 26.77 17.47
N ILE B 250 -6.41 27.44 16.88
CA ILE B 250 -7.34 26.79 15.98
C ILE B 250 -7.64 27.72 14.81
N LEU B 251 -7.29 27.29 13.60
CA LEU B 251 -7.55 28.08 12.40
C LEU B 251 -8.75 27.53 11.63
N SER B 252 -9.67 28.43 11.24
CA SER B 252 -10.84 28.02 10.47
C SER B 252 -10.83 28.77 9.14
N ILE B 253 -11.06 28.04 8.05
CA ILE B 253 -11.06 28.64 6.73
C ILE B 253 -12.37 28.30 6.05
N LYS B 254 -12.93 29.24 5.29
CA LYS B 254 -14.21 28.98 4.61
C LYS B 254 -14.04 28.02 3.43
N VAL B 255 -14.83 26.95 3.42
CA VAL B 255 -14.76 26.00 2.33
C VAL B 255 -15.49 26.54 1.10
N SER B 256 -14.72 26.90 0.08
CA SER B 256 -15.26 27.43 -1.17
C SER B 256 -14.33 27.04 -2.31
N THR B 257 -14.65 27.50 -3.52
CA THR B 257 -13.83 27.20 -4.69
C THR B 257 -12.57 28.05 -4.69
N SER B 258 -12.46 28.93 -3.70
CA SER B 258 -11.31 29.81 -3.55
C SER B 258 -10.61 29.35 -2.30
N LEU B 259 -9.43 28.79 -2.46
CA LEU B 259 -8.67 28.29 -1.33
C LEU B 259 -8.11 29.40 -0.46
N GLY B 260 -8.16 29.20 0.85
CA GLY B 260 -7.65 30.18 1.77
C GLY B 260 -8.60 31.34 1.98
N GLU B 261 -9.86 31.16 1.59
CA GLU B 261 -10.86 32.22 1.74
C GLU B 261 -11.24 32.46 3.19
N ASP B 262 -11.06 33.70 3.62
CA ASP B 262 -11.43 34.15 4.95
C ASP B 262 -10.87 33.36 6.13
N PRO B 263 -9.54 33.32 6.29
CA PRO B 263 -8.94 32.56 7.40
C PRO B 263 -9.09 33.31 8.74
N VAL B 264 -9.48 32.59 9.78
CA VAL B 264 -9.65 33.18 11.10
C VAL B 264 -8.98 32.36 12.20
N LEU B 265 -8.07 32.99 12.92
CA LEU B 265 -7.33 32.30 13.98
C LEU B 265 -7.94 32.51 15.37
N THR B 266 -8.06 31.43 16.12
CA THR B 266 -8.61 31.46 17.46
C THR B 266 -7.52 30.99 18.41
N VAL B 267 -7.28 31.78 19.46
CA VAL B 267 -6.28 31.44 20.45
C VAL B 267 -6.98 31.37 21.81
N PRO B 268 -7.24 30.14 22.28
CA PRO B 268 -7.91 29.91 23.57
C PRO B 268 -7.01 30.30 24.73
N PRO B 269 -7.59 30.85 25.81
CA PRO B 269 -6.81 31.25 26.99
C PRO B 269 -6.16 30.04 27.63
N ASN B 270 -4.91 30.19 28.08
CA ASN B 270 -4.18 29.09 28.70
C ASN B 270 -4.68 28.71 30.08
N THR B 271 -5.80 29.31 30.50
CA THR B 271 -6.42 28.98 31.78
C THR B 271 -7.15 27.65 31.63
N VAL B 272 -7.25 27.20 30.36
CA VAL B 272 -7.89 25.94 29.97
C VAL B 272 -6.95 25.04 29.14
N THR B 273 -6.27 25.60 28.16
CA THR B 273 -5.35 24.81 27.33
C THR B 273 -3.93 24.71 27.86
N LEU B 274 -3.39 23.51 27.80
CA LEU B 274 -2.02 23.23 28.22
C LEU B 274 -1.08 23.78 27.13
N MET B 275 0.21 23.47 27.26
CA MET B 275 1.20 23.94 26.27
C MET B 275 0.85 23.45 24.86
N GLY B 276 0.96 24.34 23.89
CA GLY B 276 0.67 24.00 22.52
C GLY B 276 1.35 22.72 22.07
N ALA B 277 0.65 21.94 21.25
CA ALA B 277 1.18 20.68 20.74
C ALA B 277 0.37 20.22 19.54
N GLU B 278 0.81 19.11 18.93
CA GLU B 278 0.11 18.54 17.78
C GLU B 278 -1.33 18.27 18.25
N GLY B 279 -2.27 18.21 17.31
CA GLY B 279 -3.64 17.96 17.70
C GLY B 279 -4.54 17.49 16.59
N ARG B 280 -5.84 17.54 16.84
CA ARG B 280 -6.86 17.11 15.88
C ARG B 280 -8.23 17.65 16.28
N ILE B 281 -9.02 18.05 15.30
CA ILE B 281 -10.37 18.55 15.58
C ILE B 281 -11.31 17.43 15.19
N LEU B 282 -11.95 16.82 16.17
CA LEU B 282 -12.87 15.73 15.87
C LEU B 282 -14.33 16.16 15.94
N THR B 283 -15.15 15.54 15.10
CA THR B 283 -16.58 15.81 15.10
C THR B 283 -17.30 14.46 15.18
N VAL B 284 -17.95 14.21 16.31
CA VAL B 284 -18.69 12.98 16.49
C VAL B 284 -20.10 13.33 16.93
N GLY B 285 -21.06 13.10 16.04
CA GLY B 285 -22.43 13.43 16.33
C GLY B 285 -22.54 14.93 16.18
N THR B 286 -23.04 15.57 17.24
CA THR B 286 -23.20 17.02 17.25
C THR B 286 -22.09 17.64 18.09
N SER B 287 -21.27 16.78 18.68
CA SER B 287 -20.17 17.22 19.51
C SER B 287 -18.88 17.44 18.74
N HIS B 288 -18.06 18.34 19.24
CA HIS B 288 -16.76 18.63 18.63
C HIS B 288 -15.72 18.52 19.73
N PHE B 289 -14.51 18.13 19.35
CA PHE B 289 -13.45 17.96 20.31
C PHE B 289 -12.11 18.42 19.75
N LEU B 290 -11.17 18.65 20.66
CA LEU B 290 -9.81 19.01 20.29
C LEU B 290 -8.90 18.04 21.00
N TYR B 291 -8.18 17.23 20.25
CA TYR B 291 -7.24 16.33 20.88
C TYR B 291 -5.98 17.17 20.92
N GLN B 292 -5.24 17.06 22.02
CA GLN B 292 -3.99 17.78 22.14
C GLN B 292 -2.94 16.77 22.57
N ARG B 293 -1.89 16.66 21.77
CA ARG B 293 -0.78 15.75 22.06
C ARG B 293 -0.23 16.04 23.47
N GLY B 294 0.21 15.00 24.16
CA GLY B 294 0.75 15.20 25.49
C GLY B 294 2.22 15.54 25.42
N SER B 295 2.52 16.72 24.88
CA SER B 295 3.90 17.15 24.74
C SER B 295 4.48 17.75 26.03
N SER B 296 3.60 18.19 26.92
CA SER B 296 4.01 18.77 28.20
C SER B 296 4.02 17.74 29.34
N TYR B 297 3.70 18.17 30.56
CA TYR B 297 3.73 17.29 31.72
C TYR B 297 2.57 16.32 31.86
N PHE B 298 1.42 16.66 31.27
CA PHE B 298 0.25 15.78 31.35
C PHE B 298 0.37 14.57 30.42
N SER B 299 0.22 13.38 30.98
CA SER B 299 0.32 12.15 30.20
C SER B 299 -0.96 11.59 29.57
N PRO B 300 -2.06 11.51 30.34
CA PRO B 300 -3.34 10.99 29.86
C PRO B 300 -3.89 11.70 28.63
N ALA B 301 -4.53 10.94 27.76
CA ALA B 301 -5.12 11.48 26.54
C ALA B 301 -6.13 12.57 26.87
N LEU B 302 -6.02 13.69 26.16
CA LEU B 302 -6.89 14.84 26.36
C LEU B 302 -7.87 15.05 25.22
N LEU B 303 -9.06 15.55 25.56
CA LEU B 303 -10.11 15.87 24.58
C LEU B 303 -10.87 17.07 25.09
N TYR B 304 -10.56 18.24 24.56
CA TYR B 304 -11.22 19.47 24.98
C TYR B 304 -12.55 19.64 24.28
N PRO B 305 -13.65 19.69 25.04
CA PRO B 305 -14.93 19.88 24.36
C PRO B 305 -14.84 21.16 23.57
N MET B 306 -15.18 21.09 22.30
CA MET B 306 -15.11 22.25 21.42
C MET B 306 -16.49 22.64 20.94
N THR B 307 -16.78 23.94 21.00
CA THR B 307 -18.05 24.48 20.53
C THR B 307 -17.68 25.64 19.62
N VAL B 308 -18.37 25.75 18.50
CA VAL B 308 -18.09 26.80 17.54
C VAL B 308 -19.23 27.80 17.44
N SER B 309 -18.87 29.05 17.18
CA SER B 309 -19.84 30.12 17.01
C SER B 309 -19.21 31.05 16.01
N ASN B 310 -19.91 31.22 14.89
CA ASN B 310 -19.41 32.08 13.83
C ASN B 310 -18.17 31.45 13.20
N LYS B 311 -17.03 32.14 13.33
CA LYS B 311 -15.79 31.68 12.74
C LYS B 311 -14.73 31.33 13.78
N THR B 312 -15.07 31.51 15.06
CA THR B 312 -14.14 31.22 16.15
C THR B 312 -14.55 29.99 16.93
N ALA B 313 -13.67 29.53 17.82
CA ALA B 313 -13.95 28.37 18.64
C ALA B 313 -13.76 28.68 20.12
N THR B 314 -14.24 27.78 20.96
CA THR B 314 -14.14 27.91 22.41
C THR B 314 -13.92 26.53 22.99
N LEU B 315 -12.88 26.41 23.81
CA LEU B 315 -12.55 25.13 24.45
C LEU B 315 -13.07 25.09 25.89
N HIS B 316 -13.20 23.89 26.44
CA HIS B 316 -13.69 23.72 27.80
C HIS B 316 -12.82 22.71 28.54
N SER B 317 -13.03 22.58 29.85
CA SER B 317 -12.25 21.62 30.64
C SER B 317 -12.28 20.27 29.95
N PRO B 318 -11.10 19.77 29.56
CA PRO B 318 -10.89 18.50 28.86
C PRO B 318 -11.29 17.22 29.56
N TYR B 319 -11.61 16.21 28.76
CA TYR B 319 -11.91 14.89 29.29
C TYR B 319 -10.51 14.31 29.40
N THR B 320 -10.24 13.54 30.43
CA THR B 320 -8.93 12.91 30.58
C THR B 320 -9.14 11.41 30.70
N PHE B 321 -8.19 10.63 30.19
CA PHE B 321 -8.29 9.18 30.25
C PHE B 321 -7.00 8.63 30.85
N ASN B 322 -7.01 8.52 32.18
CA ASN B 322 -5.86 8.08 32.96
C ASN B 322 -5.05 6.89 32.53
N ALA B 323 -5.70 5.88 31.94
CA ALA B 323 -4.95 4.71 31.49
C ALA B 323 -4.37 4.93 30.10
N PHE B 324 -4.86 5.94 29.40
CA PHE B 324 -4.39 6.24 28.05
C PHE B 324 -3.21 7.20 28.17
N THR B 325 -2.06 6.62 28.55
CA THR B 325 -0.82 7.38 28.74
C THR B 325 0.07 7.30 27.50
N ARG B 326 1.03 8.21 27.41
CA ARG B 326 1.98 8.20 26.30
C ARG B 326 3.40 8.33 26.85
N PRO B 327 4.35 7.59 26.26
CA PRO B 327 5.74 7.63 26.69
C PRO B 327 6.32 9.03 26.53
N GLY B 328 7.12 9.43 27.51
CA GLY B 328 7.74 10.73 27.47
C GLY B 328 9.06 10.62 28.19
N SER B 329 9.82 11.71 28.20
CA SER B 329 11.11 11.71 28.88
C SER B 329 10.99 12.40 30.23
N ILE B 330 11.73 11.88 31.21
CA ILE B 330 11.74 12.42 32.56
C ILE B 330 11.91 13.94 32.54
N PRO B 331 11.17 14.66 33.38
CA PRO B 331 10.18 14.18 34.35
C PRO B 331 8.76 14.05 33.81
N CYS B 332 8.59 14.12 32.48
CA CYS B 332 7.29 14.01 31.86
C CYS B 332 7.03 12.64 31.26
N GLN B 333 7.40 11.59 32.00
CA GLN B 333 7.20 10.22 31.51
C GLN B 333 5.74 9.79 31.65
N ALA B 334 5.42 8.60 31.15
CA ALA B 334 4.06 8.08 31.18
C ALA B 334 3.38 8.18 32.55
N SER B 335 4.11 7.82 33.59
CA SER B 335 3.58 7.85 34.95
C SER B 335 3.74 9.18 35.69
N ALA B 336 4.16 10.23 34.99
CA ALA B 336 4.33 11.55 35.61
C ALA B 336 3.03 12.02 36.25
N ARG B 337 3.14 12.81 37.31
CA ARG B 337 1.97 13.33 38.03
C ARG B 337 2.05 14.80 38.43
N CYS B 338 3.23 15.39 38.33
CA CYS B 338 3.41 16.79 38.70
C CYS B 338 3.75 17.70 37.53
N PRO B 339 3.29 18.95 37.58
CA PRO B 339 3.55 19.93 36.51
C PRO B 339 5.06 20.14 36.35
N ASN B 340 5.51 20.26 35.10
CA ASN B 340 6.91 20.47 34.80
C ASN B 340 7.11 21.01 33.39
N SER B 341 8.29 21.54 33.12
CA SER B 341 8.61 22.11 31.82
C SER B 341 9.29 21.07 30.95
N CYS B 342 8.70 20.79 29.79
CA CYS B 342 9.25 19.80 28.87
C CYS B 342 8.51 19.83 27.54
N VAL B 343 9.10 19.19 26.54
CA VAL B 343 8.52 19.07 25.21
C VAL B 343 8.90 17.70 24.71
N THR B 344 8.03 16.74 24.98
CA THR B 344 8.25 15.34 24.59
C THR B 344 6.92 14.69 24.18
N GLY B 345 6.72 13.44 24.58
CA GLY B 345 5.48 12.75 24.24
C GLY B 345 5.46 12.21 22.82
N VAL B 346 4.26 11.93 22.35
CA VAL B 346 4.03 11.38 21.02
C VAL B 346 2.54 11.51 20.68
N TYR B 347 2.23 11.56 19.39
CA TYR B 347 0.83 11.67 18.95
C TYR B 347 0.11 10.33 18.92
N THR B 348 -0.82 10.14 19.85
CA THR B 348 -1.64 8.93 19.92
C THR B 348 -2.99 9.45 20.36
N ASP B 349 -3.91 9.60 19.41
CA ASP B 349 -5.23 10.16 19.73
C ASP B 349 -6.31 9.19 20.16
N PRO B 350 -7.36 9.73 20.83
CA PRO B 350 -8.50 8.96 21.31
C PRO B 350 -9.75 9.32 20.51
N TYR B 351 -10.43 8.30 19.97
CA TYR B 351 -11.65 8.56 19.21
C TYR B 351 -12.89 8.32 20.07
N PRO B 352 -13.78 9.32 20.18
CA PRO B 352 -15.01 9.22 20.97
C PRO B 352 -15.85 8.00 20.53
N LEU B 353 -15.90 7.00 21.40
CA LEU B 353 -16.61 5.77 21.10
C LEU B 353 -17.96 5.56 21.79
N ILE B 354 -17.94 5.59 23.13
CA ILE B 354 -19.13 5.36 23.95
C ILE B 354 -19.62 6.63 24.66
N PHE B 355 -20.89 6.98 24.43
CA PHE B 355 -21.51 8.17 25.04
C PHE B 355 -22.69 7.81 25.98
N TYR B 356 -23.09 8.80 26.79
CA TYR B 356 -24.25 8.70 27.69
C TYR B 356 -25.44 9.17 26.86
N ARG B 357 -26.65 8.77 27.23
CA ARG B 357 -27.83 9.21 26.50
C ARG B 357 -27.91 10.74 26.50
N ASN B 358 -27.38 11.36 27.56
CA ASN B 358 -27.37 12.82 27.68
C ASN B 358 -26.37 13.46 26.72
N HIS B 359 -25.58 12.60 26.06
CA HIS B 359 -24.56 12.99 25.07
C HIS B 359 -23.17 13.34 25.58
N THR B 360 -22.97 13.17 26.89
CA THR B 360 -21.68 13.45 27.49
C THR B 360 -20.80 12.24 27.19
N LEU B 361 -19.56 12.48 26.77
CA LEU B 361 -18.63 11.41 26.43
C LEU B 361 -18.27 10.54 27.63
N ARG B 362 -18.24 9.23 27.42
CA ARG B 362 -17.90 8.27 28.47
C ARG B 362 -16.61 7.51 28.18
N GLY B 363 -16.50 6.95 26.97
CA GLY B 363 -15.32 6.19 26.63
C GLY B 363 -14.75 6.45 25.24
N VAL B 364 -13.49 6.07 25.04
CA VAL B 364 -12.84 6.28 23.76
C VAL B 364 -12.00 5.09 23.33
N PHE B 365 -11.77 4.96 22.02
CA PHE B 365 -10.90 3.91 21.49
C PHE B 365 -9.62 4.58 21.04
N GLY B 366 -8.52 3.85 21.10
CA GLY B 366 -7.24 4.37 20.67
C GLY B 366 -6.13 3.34 20.75
N THR B 367 -4.97 3.67 20.19
CA THR B 367 -3.82 2.78 20.26
C THR B 367 -2.73 3.55 20.96
N MET B 368 -2.46 3.13 22.19
CA MET B 368 -1.45 3.78 23.00
C MET B 368 -0.10 3.09 22.85
N LEU B 369 0.95 3.80 23.21
CA LEU B 369 2.28 3.24 23.21
C LEU B 369 2.48 2.84 24.69
N ASP B 370 2.31 1.54 24.95
CA ASP B 370 2.40 0.98 26.30
C ASP B 370 3.85 0.91 26.79
N SER B 371 4.37 2.05 27.20
CA SER B 371 5.75 2.14 27.69
C SER B 371 5.98 3.46 28.39
N GLU B 372 6.85 3.44 29.38
CA GLU B 372 7.18 4.62 30.18
C GLU B 372 7.91 5.77 29.48
N GLN B 373 9.04 5.45 28.85
CA GLN B 373 9.84 6.48 28.17
C GLN B 373 10.07 6.26 26.68
N ALA B 374 10.30 5.01 26.28
CA ALA B 374 10.55 4.70 24.87
C ALA B 374 9.27 4.54 24.03
N ARG B 375 9.34 4.98 22.79
CA ARG B 375 8.21 4.83 21.89
C ARG B 375 8.18 3.35 21.53
N LEU B 376 7.53 2.59 22.40
CA LEU B 376 7.44 1.15 22.26
C LEU B 376 6.07 0.58 22.55
N ASN B 377 5.84 -0.61 22.00
CA ASN B 377 4.64 -1.40 22.17
C ASN B 377 3.28 -0.75 21.98
N PRO B 378 2.77 -0.78 20.74
CA PRO B 378 1.46 -0.18 20.45
C PRO B 378 0.44 -1.14 21.05
N ALA B 379 -0.55 -0.59 21.75
CA ALA B 379 -1.61 -1.39 22.37
C ALA B 379 -2.97 -0.75 22.13
N SER B 380 -3.84 -1.45 21.39
CA SER B 380 -5.17 -0.94 21.09
C SER B 380 -6.15 -1.33 22.19
N ALA B 381 -6.96 -0.36 22.62
CA ALA B 381 -7.92 -0.59 23.68
C ALA B 381 -9.02 0.46 23.78
N VAL B 382 -9.97 0.21 24.68
CA VAL B 382 -11.07 1.14 24.94
C VAL B 382 -10.81 1.72 26.32
N PHE B 383 -11.03 3.03 26.46
CA PHE B 383 -10.74 3.72 27.71
C PHE B 383 -11.85 4.61 28.23
N ASP B 384 -11.97 4.65 29.56
CA ASP B 384 -12.90 5.55 30.23
C ASP B 384 -11.98 6.49 31.00
N SER B 385 -12.52 7.38 31.82
CA SER B 385 -11.67 8.32 32.56
C SER B 385 -10.62 7.69 33.50
N THR B 386 -10.76 6.42 33.85
CA THR B 386 -9.82 5.80 34.78
C THR B 386 -9.11 4.50 34.40
N SER B 387 -9.80 3.62 33.68
CA SER B 387 -9.20 2.34 33.33
C SER B 387 -9.09 2.01 31.84
N ARG B 388 -8.53 0.83 31.57
CA ARG B 388 -8.32 0.36 30.20
C ARG B 388 -8.93 -1.02 30.05
N SER B 389 -9.48 -1.29 28.87
CA SER B 389 -10.09 -2.58 28.61
C SER B 389 -9.04 -3.63 28.26
N ARG B 390 -9.53 -4.76 27.76
CA ARG B 390 -8.66 -5.84 27.31
C ARG B 390 -7.96 -5.22 26.09
N ILE B 391 -6.70 -5.58 25.84
CA ILE B 391 -5.97 -4.99 24.71
C ILE B 391 -5.65 -5.93 23.57
N THR B 392 -5.20 -5.33 22.47
CA THR B 392 -4.79 -6.09 21.29
C THR B 392 -3.42 -5.50 20.95
N ARG B 393 -2.42 -6.37 20.91
CA ARG B 393 -1.05 -5.98 20.65
C ARG B 393 -0.61 -6.29 19.24
N VAL B 394 0.30 -5.46 18.70
CA VAL B 394 0.84 -5.66 17.36
C VAL B 394 1.80 -6.85 17.46
N SER B 395 2.52 -6.93 18.57
CA SER B 395 3.45 -8.02 18.80
C SER B 395 3.74 -8.22 20.29
N SER B 396 3.90 -9.47 20.71
CA SER B 396 4.20 -9.78 22.10
C SER B 396 5.64 -9.40 22.46
N SER B 397 6.46 -9.20 21.42
CA SER B 397 7.86 -8.81 21.58
C SER B 397 7.93 -7.29 21.62
N SER B 398 9.01 -6.75 22.19
CA SER B 398 9.18 -5.30 22.25
C SER B 398 9.18 -4.76 20.83
N THR B 399 8.34 -3.76 20.59
CA THR B 399 8.22 -3.20 19.25
C THR B 399 8.23 -1.68 19.18
N LYS B 400 9.08 -1.16 18.30
CA LYS B 400 9.23 0.28 18.10
C LYS B 400 8.07 0.81 17.29
N ALA B 401 7.57 1.97 17.68
CA ALA B 401 6.45 2.59 16.99
C ALA B 401 6.44 4.08 17.29
N ALA B 402 5.51 4.78 16.65
CA ALA B 402 5.39 6.21 16.85
C ALA B 402 3.92 6.59 16.83
N TYR B 403 3.59 7.67 16.13
CA TYR B 403 2.23 8.17 16.04
C TYR B 403 1.13 7.14 15.73
N THR B 404 -0.08 7.47 16.18
CA THR B 404 -1.26 6.66 15.89
C THR B 404 -2.48 7.59 15.86
N THR B 405 -3.29 7.44 14.82
CA THR B 405 -4.52 8.22 14.74
C THR B 405 -5.67 7.25 14.45
N SER B 406 -6.66 7.28 15.33
CA SER B 406 -7.81 6.39 15.24
C SER B 406 -9.13 7.04 14.84
N THR B 407 -9.97 6.25 14.18
CA THR B 407 -11.28 6.68 13.72
C THR B 407 -12.21 5.47 13.65
N CYS B 408 -13.36 5.56 14.34
CA CYS B 408 -14.31 4.46 14.38
C CYS B 408 -15.58 4.75 13.61
N PHE B 409 -16.22 3.70 13.15
CA PHE B 409 -17.43 3.81 12.35
C PHE B 409 -18.18 2.48 12.43
N LYS B 410 -19.39 2.46 11.88
CA LYS B 410 -20.22 1.27 11.91
C LYS B 410 -20.77 0.89 10.54
N VAL B 411 -20.76 -0.41 10.22
CA VAL B 411 -21.34 -0.85 8.96
C VAL B 411 -22.75 -1.19 9.43
N VAL B 412 -23.74 -0.35 9.13
CA VAL B 412 -25.09 -0.60 9.61
C VAL B 412 -25.72 -1.92 9.13
N LYS B 413 -25.35 -2.35 7.92
CA LYS B 413 -25.84 -3.59 7.33
C LYS B 413 -25.43 -4.83 8.13
N THR B 414 -24.20 -4.84 8.66
CA THR B 414 -23.73 -5.98 9.44
C THR B 414 -23.83 -5.70 10.93
N ASN B 415 -24.21 -4.47 11.27
CA ASN B 415 -24.35 -4.04 12.65
C ASN B 415 -23.07 -4.25 13.45
N LYS B 416 -21.95 -3.98 12.80
CA LYS B 416 -20.64 -4.11 13.44
C LYS B 416 -19.92 -2.77 13.49
N THR B 417 -19.34 -2.49 14.64
CA THR B 417 -18.60 -1.25 14.88
C THR B 417 -17.12 -1.53 14.75
N TYR B 418 -16.44 -0.71 13.96
CA TYR B 418 -15.02 -0.86 13.73
C TYR B 418 -14.24 0.39 14.06
N CYS B 419 -12.97 0.20 14.41
CA CYS B 419 -12.08 1.30 14.66
C CYS B 419 -10.84 1.09 13.81
N LEU B 420 -10.51 2.08 12.99
CA LEU B 420 -9.32 2.08 12.15
C LEU B 420 -8.26 2.74 13.01
N SER B 421 -7.14 2.09 13.19
CA SER B 421 -6.09 2.68 14.00
C SER B 421 -4.81 2.76 13.15
N ILE B 422 -4.58 3.95 12.56
CA ILE B 422 -3.41 4.21 11.73
C ILE B 422 -2.20 4.40 12.62
N ALA B 423 -1.23 3.50 12.48
CA ALA B 423 -0.06 3.54 13.32
C ALA B 423 1.28 3.41 12.61
N GLU B 424 2.24 4.20 13.09
CA GLU B 424 3.61 4.18 12.57
C GLU B 424 4.34 3.07 13.31
N ILE B 425 4.60 1.98 12.61
CA ILE B 425 5.28 0.83 13.19
C ILE B 425 6.65 0.70 12.54
N SER B 426 7.62 0.17 13.27
CA SER B 426 8.96 -0.02 12.72
C SER B 426 8.89 -1.03 11.56
N ASN B 427 9.88 -0.97 10.67
CA ASN B 427 9.91 -1.88 9.52
C ASN B 427 11.30 -2.48 9.36
N THR B 428 11.44 -3.39 8.40
CA THR B 428 12.72 -4.02 8.09
C THR B 428 12.85 -4.04 6.56
N LEU B 429 14.07 -3.90 6.06
CA LEU B 429 14.37 -3.88 4.61
C LEU B 429 13.97 -2.60 3.92
N PHE B 430 12.71 -2.21 4.06
CA PHE B 430 12.20 -1.01 3.39
C PHE B 430 11.84 0.18 4.26
N GLY B 431 12.87 0.96 4.64
CA GLY B 431 12.65 2.14 5.44
C GLY B 431 12.52 1.93 6.94
N GLU B 432 12.63 3.02 7.69
CA GLU B 432 12.52 2.97 9.14
C GLU B 432 11.08 2.70 9.61
N PHE B 433 10.10 3.26 8.90
CA PHE B 433 8.71 3.10 9.28
C PHE B 433 7.76 2.64 8.17
N ARG B 434 6.72 1.94 8.58
CA ARG B 434 5.67 1.46 7.70
C ARG B 434 4.42 1.92 8.43
N ILE B 435 3.66 2.81 7.80
CA ILE B 435 2.43 3.31 8.39
C ILE B 435 1.35 2.31 8.02
N VAL B 436 0.87 1.55 9.00
CA VAL B 436 -0.15 0.55 8.74
C VAL B 436 -1.51 0.86 9.38
N PRO B 437 -2.59 0.69 8.59
CA PRO B 437 -3.97 0.93 9.02
C PRO B 437 -4.51 -0.31 9.74
N LEU B 438 -4.31 -0.34 11.04
CA LEU B 438 -4.79 -1.47 11.82
C LEU B 438 -6.31 -1.37 11.92
N LEU B 439 -6.98 -2.52 12.02
CA LEU B 439 -8.43 -2.54 12.09
C LEU B 439 -8.94 -3.52 13.13
N VAL B 440 -9.84 -3.04 13.99
CA VAL B 440 -10.44 -3.89 15.02
C VAL B 440 -11.94 -3.72 15.07
N GLU B 441 -12.61 -4.81 15.45
CA GLU B 441 -14.06 -4.78 15.63
C GLU B 441 -14.25 -4.55 17.12
N ILE B 442 -15.16 -3.64 17.49
CA ILE B 442 -15.41 -3.37 18.90
C ILE B 442 -16.37 -4.42 19.43
N LEU B 443 -15.90 -5.21 20.39
CA LEU B 443 -16.70 -6.28 20.97
C LEU B 443 -17.11 -5.99 22.41
N LYS B 444 -18.12 -6.73 22.87
CA LYS B 444 -18.61 -6.61 24.24
C LYS B 444 -18.72 -8.02 24.79
N ASN B 445 -18.31 -8.20 26.04
CA ASN B 445 -18.33 -9.50 26.72
C ASN B 445 -19.56 -10.37 26.48
N ASP B 446 -20.68 -10.02 27.12
CA ASP B 446 -21.93 -10.78 26.98
C ASP B 446 -22.99 -10.28 27.94
#